data_8YDL
#
_entry.id   8YDL
#
_cell.length_a   59.656
_cell.length_b   59.915
_cell.length_c   102.420
_cell.angle_alpha   76.380
_cell.angle_beta   73.700
_cell.angle_gamma   76.770
#
_symmetry.space_group_name_H-M   'P 1'
#
loop_
_entity.id
_entity.type
_entity.pdbx_description
1 polymer 'Fusion glycoprotein F2, F1'
2 water water
#
_entity_poly.entity_id   1
_entity_poly.type   'polypeptide(L)'
_entity_poly.pdbx_seq_one_letter_code
;QNITEEFYQTTASAVSKGYLSALRTGWYTSVITIELSNIKENKCNGTDAKVKLIKQELDKYKNAVTDLQLLMQSTPATGS
GSAIASGVAVCKVLHLEGEVNKIKSALLSTNKAVVSLSNGVSVLTFKVLDLKNYIDKQLLPILNKQSCSIPNIETVIEFQ
QKNNRLLEITREFSVNAGVTTPVSTYMLTNSELLSLINDMPITNDQKKLMSNNVQIVRQQSYSIMCIIKEEVLAYVVQLP
LYGNITEEFYQTTASAVSKGYLSALRTGWYTSVITIELSNIKENKCNGTDAKVKLIKQELDKYKNAVTDLQLLMQSTPAT
GSGSAIASGVAVCKVLHLEGEVNKIKSALLSTNKAVVSLSNGVSVLTFKVLDLKNYIDKQLLPILNKQSCSIPNIETVIE
FQQKNNRLLEITREFSVNAGVTTPVSTYMLTNSELLSLINDMPITNDQKKLMSNNVQIVRQQSYSIMCIIKEEVLAYVVQ
LPLYGHHHHHH
;
_entity_poly.pdbx_strand_id   A,B
#
# COMPACT_ATOMS: atom_id res chain seq x y z
N SER A 21 24.81 19.12 3.79
CA SER A 21 23.77 18.72 2.83
C SER A 21 22.38 19.10 3.29
N ALA A 22 22.05 18.82 4.55
CA ALA A 22 20.73 19.15 5.12
C ALA A 22 20.59 20.66 5.19
N LEU A 23 21.46 21.37 4.50
CA LEU A 23 21.47 22.82 4.52
C LEU A 23 21.44 23.45 3.13
N ARG A 24 21.36 22.66 2.06
CA ARG A 24 21.25 23.23 0.73
C ARG A 24 19.93 23.98 0.58
N THR A 25 20.01 25.19 0.04
CA THR A 25 18.82 26.01 -0.18
C THR A 25 18.60 26.39 -1.64
N GLY A 26 19.58 26.17 -2.51
CA GLY A 26 19.44 26.48 -3.92
C GLY A 26 20.55 25.82 -4.71
N TRP A 27 20.49 26.01 -6.02
CA TRP A 27 21.47 25.44 -6.95
C TRP A 27 22.23 26.56 -7.64
N TYR A 28 23.54 26.34 -7.84
CA TYR A 28 24.38 27.25 -8.60
C TYR A 28 24.91 26.51 -9.82
N THR A 29 24.78 27.14 -10.98
CA THR A 29 25.18 26.55 -12.25
C THR A 29 26.23 27.43 -12.93
N SER A 30 27.17 26.78 -13.61
CA SER A 30 28.23 27.47 -14.34
C SER A 30 28.48 26.76 -15.65
N VAL A 31 28.96 27.52 -16.64
CA VAL A 31 29.16 27.03 -18.00
C VAL A 31 30.65 26.73 -18.18
N ILE A 32 30.98 25.48 -18.47
CA ILE A 32 32.34 25.05 -18.71
C ILE A 32 32.51 24.76 -20.20
N THR A 33 33.51 25.36 -20.82
CA THR A 33 33.71 25.27 -22.26
C THR A 33 35.08 24.72 -22.61
N ILE A 34 35.11 23.91 -23.67
CA ILE A 34 36.36 23.40 -24.23
C ILE A 34 36.43 23.89 -25.68
N GLU A 35 37.54 24.53 -26.03
CA GLU A 35 37.68 25.10 -27.36
C GLU A 35 38.10 24.03 -28.36
N LEU A 36 37.29 23.87 -29.41
CA LEU A 36 37.44 22.79 -30.37
C LEU A 36 38.06 23.30 -31.66
N SER A 37 38.87 22.45 -32.28
CA SER A 37 39.52 22.80 -33.54
C SER A 37 38.70 22.26 -34.69
N ASN A 38 38.42 23.11 -35.67
CA ASN A 38 37.64 22.71 -36.85
C ASN A 38 38.62 22.17 -37.88
N ILE A 39 38.93 20.89 -37.77
CA ILE A 39 39.83 20.22 -38.71
C ILE A 39 39.12 19.00 -39.27
N LYS A 40 39.13 18.87 -40.59
CA LYS A 40 38.58 17.71 -41.27
C LYS A 40 39.69 16.68 -41.47
N GLU A 41 39.42 15.65 -42.27
CA GLU A 41 40.38 14.59 -42.49
C GLU A 41 41.63 15.11 -43.17
N ASN A 42 42.78 14.93 -42.53
CA ASN A 42 44.08 15.35 -43.04
C ASN A 42 44.86 14.07 -43.35
N LYS A 43 44.65 13.55 -44.57
CA LYS A 43 45.27 12.29 -44.99
C LYS A 43 46.47 12.60 -45.87
N CYS A 44 47.59 12.90 -45.21
CA CYS A 44 48.89 13.02 -45.86
C CYS A 44 49.70 11.76 -45.56
N ASN A 45 50.69 11.49 -46.41
CA ASN A 45 51.46 10.25 -46.32
C ASN A 45 52.14 10.11 -44.96
N GLY A 46 51.65 9.16 -44.15
CA GLY A 46 52.25 8.88 -42.87
C GLY A 46 52.90 7.51 -42.85
N THR A 47 54.23 7.47 -42.84
CA THR A 47 54.97 6.22 -42.86
C THR A 47 55.48 5.81 -41.49
N ASP A 48 56.16 6.70 -40.79
CA ASP A 48 56.80 6.36 -39.52
C ASP A 48 55.78 6.32 -38.39
N ALA A 49 56.25 5.99 -37.19
CA ALA A 49 55.36 5.78 -36.05
C ALA A 49 54.94 7.07 -35.38
N LYS A 50 55.83 8.08 -35.33
CA LYS A 50 55.49 9.33 -34.65
C LYS A 50 54.38 10.07 -35.39
N VAL A 51 54.41 10.05 -36.73
CA VAL A 51 53.31 10.62 -37.50
C VAL A 51 52.04 9.81 -37.30
N LYS A 52 52.17 8.50 -37.18
CA LYS A 52 50.97 7.65 -37.04
C LYS A 52 50.34 7.84 -35.67
N LEU A 53 51.14 7.99 -34.61
CA LEU A 53 50.59 8.22 -33.28
C LEU A 53 49.89 9.57 -33.19
N ILE A 54 50.35 10.57 -33.93
CA ILE A 54 49.66 11.86 -33.98
C ILE A 54 48.33 11.72 -34.70
N LYS A 55 48.32 11.04 -35.85
CA LYS A 55 47.09 10.88 -36.61
C LYS A 55 46.07 10.05 -35.85
N GLN A 56 46.54 9.07 -35.11
CA GLN A 56 45.64 8.17 -34.34
C GLN A 56 45.09 8.94 -33.16
N GLU A 57 45.82 9.94 -32.73
CA GLU A 57 45.31 10.80 -31.66
C GLU A 57 44.30 11.81 -32.21
N LEU A 58 44.52 12.30 -33.43
CA LEU A 58 43.55 13.22 -34.02
C LEU A 58 42.23 12.51 -34.31
N ASP A 59 42.28 11.21 -34.63
CA ASP A 59 41.06 10.45 -34.78
C ASP A 59 40.31 10.31 -33.46
N LYS A 60 41.05 10.11 -32.36
CA LYS A 60 40.41 10.05 -31.05
C LYS A 60 39.69 11.36 -30.74
N TYR A 61 40.32 12.49 -31.05
CA TYR A 61 39.67 13.78 -30.86
C TYR A 61 38.41 13.90 -31.70
N LYS A 62 38.48 13.49 -32.97
CA LYS A 62 37.32 13.61 -33.85
C LYS A 62 36.23 12.63 -33.47
N ASN A 63 36.60 11.41 -33.08
CA ASN A 63 35.60 10.45 -32.61
C ASN A 63 34.93 10.93 -31.34
N ALA A 64 35.68 11.60 -30.46
CA ALA A 64 35.09 12.11 -29.22
C ALA A 64 34.05 13.18 -29.50
N VAL A 65 34.32 14.08 -30.46
CA VAL A 65 33.36 15.14 -30.79
C VAL A 65 32.08 14.53 -31.36
N THR A 66 32.22 13.56 -32.28
CA THR A 66 31.04 12.95 -32.87
C THR A 66 30.31 12.06 -31.87
N ASP A 67 31.03 11.46 -30.93
CA ASP A 67 30.37 10.68 -29.88
C ASP A 67 29.46 11.57 -29.04
N LEU A 68 29.98 12.73 -28.61
CA LEU A 68 29.19 13.64 -27.79
C LEU A 68 28.00 14.19 -28.58
N GLN A 69 28.21 14.54 -29.85
CA GLN A 69 27.11 14.97 -30.69
C GLN A 69 26.03 13.90 -30.78
N LEU A 70 26.44 12.64 -31.00
CA LEU A 70 25.48 11.54 -31.04
C LEU A 70 24.83 11.32 -29.69
N LEU A 71 25.57 11.54 -28.60
CA LEU A 71 25.02 11.38 -27.26
C LEU A 71 23.90 12.39 -26.99
N MET A 72 24.07 13.62 -27.47
CA MET A 72 23.09 14.68 -27.22
C MET A 72 21.86 14.58 -28.10
N GLN A 73 21.79 13.60 -29.01
CA GLN A 73 20.55 13.33 -29.74
C GLN A 73 19.63 12.38 -28.98
N SER A 74 20.17 11.60 -28.05
CA SER A 74 19.38 10.68 -27.24
C SER A 74 19.23 11.18 -25.80
N THR A 75 19.38 12.48 -25.57
CA THR A 75 19.34 13.04 -24.24
C THR A 75 17.97 12.83 -23.60
N PRO A 76 17.89 12.17 -22.45
CA PRO A 76 16.59 11.96 -21.80
C PRO A 76 15.97 13.28 -21.35
N ALA A 77 14.64 13.30 -21.31
CA ALA A 77 13.91 14.48 -20.86
C ALA A 77 13.98 14.60 -19.34
N THR A 78 13.81 15.84 -18.87
CA THR A 78 13.82 16.14 -17.44
C THR A 78 12.56 16.90 -17.07
N GLY A 79 12.07 16.66 -15.85
CA GLY A 79 10.91 17.36 -15.34
C GLY A 79 11.29 18.45 -14.35
N SER A 80 10.27 19.19 -13.91
CA SER A 80 10.49 20.27 -12.95
C SER A 80 11.00 19.74 -11.61
N GLY A 81 10.73 18.48 -11.29
CA GLY A 81 11.17 17.87 -10.07
C GLY A 81 12.56 17.27 -10.12
N SER A 82 13.25 17.39 -11.25
CA SER A 82 14.57 16.82 -11.38
C SER A 82 15.58 17.63 -10.55
N ALA A 83 16.58 16.93 -10.03
CA ALA A 83 17.66 17.60 -9.31
C ALA A 83 18.51 18.45 -10.23
N ILE A 84 18.50 18.16 -11.53
CA ILE A 84 19.26 18.92 -12.52
C ILE A 84 18.32 19.74 -13.41
N ALA A 85 17.11 20.04 -12.93
CA ALA A 85 16.19 20.83 -13.73
C ALA A 85 16.74 22.23 -13.98
N SER A 86 17.40 22.82 -12.98
CA SER A 86 17.97 24.15 -13.15
C SER A 86 19.14 24.15 -14.13
N GLY A 87 20.05 23.18 -13.98
CA GLY A 87 21.16 23.07 -14.91
C GLY A 87 20.68 22.79 -16.33
N VAL A 88 19.70 21.90 -16.48
CA VAL A 88 19.11 21.63 -17.79
C VAL A 88 18.48 22.90 -18.35
N ALA A 89 17.84 23.69 -17.50
CA ALA A 89 17.27 24.96 -17.95
C ALA A 89 18.35 25.89 -18.47
N VAL A 90 19.52 25.90 -17.83
CA VAL A 90 20.60 26.76 -18.30
C VAL A 90 21.12 26.29 -19.65
N CYS A 91 21.24 24.97 -19.85
CA CYS A 91 21.76 24.47 -21.12
CA CYS A 91 21.76 24.46 -21.11
C CYS A 91 20.91 24.95 -22.29
N LYS A 92 19.59 24.89 -22.14
CA LYS A 92 18.70 25.31 -23.22
C LYS A 92 18.84 26.80 -23.52
N VAL A 93 19.22 27.61 -22.53
CA VAL A 93 19.45 29.02 -22.78
C VAL A 93 20.67 29.21 -23.66
N LEU A 94 21.67 28.33 -23.52
CA LEU A 94 22.85 28.41 -24.38
C LEU A 94 22.50 28.18 -25.85
N HIS A 95 21.35 27.60 -26.13
CA HIS A 95 20.90 27.40 -27.50
C HIS A 95 20.24 28.64 -28.10
N LEU A 96 20.06 29.70 -27.31
CA LEU A 96 19.53 30.94 -27.86
C LEU A 96 20.54 31.58 -28.81
N GLU A 97 20.02 32.45 -29.68
CA GLU A 97 20.85 33.04 -30.73
C GLU A 97 22.00 33.85 -30.14
N GLY A 98 23.20 33.58 -30.60
CA GLY A 98 24.38 34.37 -30.27
C GLY A 98 24.99 34.10 -28.91
N GLU A 99 24.46 33.14 -28.14
CA GLU A 99 24.96 32.93 -26.79
C GLU A 99 26.35 32.30 -26.80
N VAL A 100 26.58 31.34 -27.69
CA VAL A 100 27.89 30.69 -27.77
C VAL A 100 28.96 31.69 -28.19
N ASN A 101 28.65 32.53 -29.18
CA ASN A 101 29.60 33.55 -29.60
C ASN A 101 29.88 34.53 -28.48
N LYS A 102 28.84 34.92 -27.73
CA LYS A 102 29.05 35.79 -26.59
C LYS A 102 30.01 35.16 -25.58
N ILE A 103 29.82 33.86 -25.31
CA ILE A 103 30.72 33.16 -24.39
C ILE A 103 32.10 33.01 -25.01
N LYS A 104 32.17 32.73 -26.32
CA LYS A 104 33.47 32.60 -26.97
C LYS A 104 34.24 33.90 -26.94
N SER A 105 33.58 35.00 -27.20
CA SER A 105 34.25 36.31 -27.23
C SER A 105 34.74 36.68 -25.82
N ALA A 106 33.95 36.35 -24.80
CA ALA A 106 34.32 36.69 -23.43
C ALA A 106 35.50 35.87 -22.93
N LEU A 107 35.80 34.74 -23.57
CA LEU A 107 36.88 33.85 -23.14
C LEU A 107 38.03 33.84 -24.15
N LEU A 108 38.17 34.92 -24.93
CA LEU A 108 39.27 34.98 -25.90
C LEU A 108 40.61 35.22 -25.22
N SER A 109 40.65 36.11 -24.23
CA SER A 109 41.90 36.50 -23.59
C SER A 109 41.92 36.18 -22.10
N THR A 110 40.98 35.37 -21.62
CA THR A 110 40.94 34.95 -20.22
C THR A 110 40.28 33.58 -20.14
N ASN A 111 40.48 32.92 -19.00
CA ASN A 111 39.92 31.61 -18.76
C ASN A 111 38.58 31.64 -18.05
N LYS A 112 38.13 32.81 -17.59
CA LYS A 112 36.93 32.88 -16.77
C LYS A 112 36.29 34.25 -16.90
N ALA A 113 35.00 34.27 -17.19
CA ALA A 113 34.29 35.53 -17.35
C ALA A 113 32.84 35.36 -16.94
N VAL A 114 32.23 36.47 -16.52
CA VAL A 114 30.80 36.53 -16.28
C VAL A 114 30.13 37.04 -17.55
N VAL A 115 29.11 36.34 -18.01
CA VAL A 115 28.42 36.66 -19.26
C VAL A 115 26.94 36.86 -18.97
N SER A 116 26.40 37.98 -19.46
CA SER A 116 24.97 38.28 -19.31
C SER A 116 24.24 37.68 -20.51
N LEU A 117 23.52 36.59 -20.27
CA LEU A 117 22.81 35.91 -21.34
C LEU A 117 21.65 36.76 -21.83
N SER A 118 21.17 36.44 -23.04
CA SER A 118 19.96 37.08 -23.55
C SER A 118 18.74 36.71 -22.71
N ASN A 119 18.90 35.81 -21.74
CA ASN A 119 17.93 35.55 -20.70
C ASN A 119 17.87 36.65 -19.65
N GLY A 120 18.85 37.55 -19.64
CA GLY A 120 18.98 38.53 -18.59
C GLY A 120 19.72 38.03 -17.36
N VAL A 121 20.09 36.75 -17.33
CA VAL A 121 20.77 36.14 -16.21
C VAL A 121 22.27 36.15 -16.48
N SER A 122 23.05 36.60 -15.50
CA SER A 122 24.50 36.47 -15.58
C SER A 122 24.91 35.07 -15.15
N VAL A 123 25.84 34.49 -15.89
CA VAL A 123 26.36 33.16 -15.59
C VAL A 123 27.88 33.21 -15.62
N LEU A 124 28.50 32.39 -14.78
CA LEU A 124 29.96 32.30 -14.73
C LEU A 124 30.43 31.25 -15.73
N THR A 125 31.36 31.63 -16.60
CA THR A 125 31.81 30.76 -17.67
C THR A 125 33.30 30.47 -17.50
N PHE A 126 33.71 29.30 -18.01
CA PHE A 126 35.08 28.85 -17.90
C PHE A 126 35.58 28.32 -19.25
N LYS A 127 36.81 28.67 -19.59
CA LYS A 127 37.55 28.02 -20.67
C LYS A 127 38.64 27.18 -20.00
N VAL A 128 38.47 25.86 -20.02
CA VAL A 128 39.38 24.96 -19.31
C VAL A 128 40.35 24.23 -20.22
N LEU A 129 40.06 24.17 -21.52
CA LEU A 129 40.92 23.41 -22.44
C LEU A 129 40.85 24.06 -23.80
N ASP A 130 41.98 24.58 -24.27
CA ASP A 130 42.05 25.26 -25.56
C ASP A 130 42.65 24.32 -26.61
N LEU A 131 41.85 23.33 -27.00
CA LEU A 131 42.27 22.46 -28.09
C LEU A 131 42.19 23.16 -29.44
N LYS A 132 41.35 24.19 -29.56
CA LYS A 132 41.33 24.99 -30.77
C LYS A 132 42.70 25.62 -31.03
N ASN A 133 43.31 26.19 -30.00
CA ASN A 133 44.58 26.88 -30.19
C ASN A 133 45.75 25.90 -30.30
N TYR A 134 45.72 24.80 -29.55
CA TYR A 134 46.85 23.87 -29.58
C TYR A 134 46.97 23.21 -30.94
N ILE A 135 45.88 22.65 -31.44
CA ILE A 135 45.92 21.94 -32.72
C ILE A 135 46.17 22.91 -33.87
N ASP A 136 45.44 24.03 -33.89
CA ASP A 136 45.55 24.94 -35.02
C ASP A 136 46.88 25.70 -35.02
N LYS A 137 47.36 26.11 -33.84
CA LYS A 137 48.49 27.02 -33.78
C LYS A 137 49.81 26.35 -33.42
N GLN A 138 49.79 25.18 -32.80
CA GLN A 138 51.04 24.54 -32.38
C GLN A 138 51.26 23.16 -32.99
N LEU A 139 50.23 22.31 -33.02
CA LEU A 139 50.42 20.95 -33.53
C LEU A 139 50.48 20.93 -35.06
N LEU A 140 49.41 21.41 -35.71
CA LEU A 140 49.38 21.39 -37.17
C LEU A 140 50.53 22.15 -37.82
N PRO A 141 50.92 23.36 -37.39
CA PRO A 141 52.05 24.03 -38.04
C PRO A 141 53.34 23.23 -38.01
N ILE A 142 53.59 22.48 -36.94
CA ILE A 142 54.74 21.58 -36.91
C ILE A 142 54.55 20.48 -37.94
N LEU A 143 53.39 19.83 -37.94
CA LEU A 143 53.13 18.77 -38.90
C LEU A 143 53.10 19.30 -40.33
N ASN A 144 52.64 20.53 -40.54
CA ASN A 144 52.54 21.11 -41.87
C ASN A 144 53.79 21.87 -42.27
N LYS A 145 54.96 21.46 -41.77
CA LYS A 145 56.23 21.95 -42.28
C LYS A 145 56.85 21.00 -43.31
N GLN A 146 56.19 19.88 -43.60
CA GLN A 146 56.59 18.90 -44.61
C GLN A 146 55.35 18.12 -45.02
N SER A 147 55.54 16.99 -45.69
CA SER A 147 54.46 16.01 -45.81
C SER A 147 54.27 15.34 -44.46
N CYS A 148 53.47 15.94 -43.59
CA CYS A 148 53.38 15.54 -42.19
C CYS A 148 54.79 15.41 -41.59
N SER A 149 55.45 16.56 -41.49
CA SER A 149 56.74 16.68 -40.81
C SER A 149 56.80 15.76 -39.61
N ILE A 150 57.86 14.98 -39.52
CA ILE A 150 58.04 14.05 -38.41
C ILE A 150 58.19 14.88 -37.14
N PRO A 151 57.27 14.76 -36.19
CA PRO A 151 57.38 15.55 -34.96
C PRO A 151 58.27 14.87 -33.94
N ASN A 152 58.76 15.69 -33.00
CA ASN A 152 59.49 15.14 -31.87
C ASN A 152 58.57 14.25 -31.05
N ILE A 153 59.17 13.24 -30.41
CA ILE A 153 58.40 12.37 -29.53
C ILE A 153 57.80 13.17 -28.38
N GLU A 154 58.44 14.26 -27.99
CA GLU A 154 57.90 15.12 -26.94
C GLU A 154 56.56 15.73 -27.35
N THR A 155 56.44 16.15 -28.61
CA THR A 155 55.19 16.70 -29.10
C THR A 155 54.08 15.65 -29.10
N VAL A 156 54.43 14.40 -29.42
CA VAL A 156 53.45 13.33 -29.39
C VAL A 156 52.88 13.16 -27.99
N ILE A 157 53.75 13.23 -26.98
CA ILE A 157 53.28 13.13 -25.59
C ILE A 157 52.44 14.34 -25.22
N GLU A 158 52.86 15.54 -25.64
CA GLU A 158 52.15 16.76 -25.25
C GLU A 158 50.73 16.75 -25.80
N PHE A 159 50.57 16.41 -27.08
CA PHE A 159 49.24 16.33 -27.66
C PHE A 159 48.42 15.21 -27.02
N GLN A 160 49.07 14.08 -26.73
CA GLN A 160 48.39 12.95 -26.13
C GLN A 160 47.78 13.31 -24.78
N GLN A 161 48.55 14.03 -23.95
CA GLN A 161 48.06 14.38 -22.62
C GLN A 161 46.97 15.44 -22.69
N LYS A 162 47.10 16.40 -23.62
CA LYS A 162 46.08 17.43 -23.77
C LYS A 162 44.74 16.85 -24.20
N ASN A 163 44.77 15.92 -25.16
CA ASN A 163 43.55 15.27 -25.63
C ASN A 163 42.95 14.36 -24.58
N ASN A 164 43.73 13.97 -23.57
CA ASN A 164 43.28 12.97 -22.61
C ASN A 164 42.07 13.44 -21.82
N ARG A 165 42.07 14.72 -21.39
CA ARG A 165 40.95 15.23 -20.61
C ARG A 165 39.65 15.20 -21.41
N LEU A 166 39.71 15.58 -22.68
CA LEU A 166 38.52 15.52 -23.53
C LEU A 166 38.02 14.08 -23.66
N LEU A 167 38.92 13.13 -23.86
CA LEU A 167 38.52 11.73 -23.99
C LEU A 167 37.91 11.20 -22.71
N GLU A 168 38.49 11.56 -21.56
CA GLU A 168 37.92 11.09 -20.29
C GLU A 168 36.59 11.76 -20.00
N ILE A 169 36.47 13.06 -20.30
CA ILE A 169 35.18 13.74 -20.19
C ILE A 169 34.16 13.07 -21.09
N THR A 170 34.55 12.75 -22.33
CA THR A 170 33.64 12.07 -23.24
C THR A 170 33.23 10.71 -22.72
N ARG A 171 34.19 9.96 -22.15
CA ARG A 171 33.87 8.64 -21.63
C ARG A 171 32.86 8.71 -20.49
N GLU A 172 33.04 9.67 -19.58
CA GLU A 172 32.12 9.80 -18.45
C GLU A 172 30.70 10.15 -18.92
N PHE A 173 30.59 11.10 -19.85
CA PHE A 173 29.27 11.50 -20.33
C PHE A 173 28.60 10.37 -21.12
N SER A 174 29.40 9.55 -21.82
CA SER A 174 28.83 8.49 -22.66
C SER A 174 28.22 7.38 -21.82
N VAL A 175 28.86 7.02 -20.71
CA VAL A 175 28.40 5.90 -19.89
C VAL A 175 27.44 6.38 -18.81
N ASN A 176 27.06 7.66 -18.86
CA ASN A 176 26.12 8.21 -17.90
C ASN A 176 25.05 9.07 -18.55
N ALA A 177 24.82 8.91 -19.85
CA ALA A 177 23.77 9.64 -20.58
C ALA A 177 23.92 11.15 -20.43
N GLY A 178 25.17 11.63 -20.50
CA GLY A 178 25.42 13.06 -20.51
C GLY A 178 25.29 13.78 -19.19
N VAL A 179 25.04 13.05 -18.10
CA VAL A 179 24.93 13.64 -16.77
C VAL A 179 25.74 12.77 -15.82
N THR A 180 26.73 13.35 -15.14
CA THR A 180 27.58 12.60 -14.23
C THR A 180 27.56 13.24 -12.85
N THR A 181 27.73 12.39 -11.84
CA THR A 181 27.94 12.82 -10.45
C THR A 181 28.56 11.64 -9.72
N PRO A 182 29.57 11.87 -8.86
CA PRO A 182 30.20 13.15 -8.49
C PRO A 182 30.97 13.81 -9.63
N VAL A 183 31.19 15.12 -9.54
CA VAL A 183 31.91 15.85 -10.57
C VAL A 183 33.40 15.54 -10.44
N SER A 184 33.94 14.81 -11.43
CA SER A 184 35.31 14.35 -11.37
C SER A 184 36.28 15.51 -11.57
N THR A 185 37.56 15.23 -11.33
CA THR A 185 38.59 16.23 -11.57
C THR A 185 38.77 16.54 -13.04
N TYR A 186 38.30 15.64 -13.93
CA TYR A 186 38.33 15.92 -15.35
C TYR A 186 37.24 16.89 -15.75
N MET A 187 36.05 16.74 -15.18
CA MET A 187 35.00 17.73 -15.37
C MET A 187 35.40 19.09 -14.82
N LEU A 188 36.03 19.08 -13.64
CA LEU A 188 36.37 20.32 -12.95
C LEU A 188 37.53 20.01 -12.00
N THR A 189 38.72 20.51 -12.31
CA THR A 189 39.87 20.30 -11.46
C THR A 189 39.67 20.97 -10.11
N ASN A 190 40.58 20.69 -9.18
CA ASN A 190 40.51 21.30 -7.83
C ASN A 190 40.75 22.80 -7.95
N SER A 191 41.68 23.21 -8.80
CA SER A 191 41.92 24.64 -9.00
C SER A 191 40.70 25.33 -9.61
N GLU A 192 40.10 24.71 -10.63
CA GLU A 192 38.92 25.29 -11.25
C GLU A 192 37.74 25.31 -10.28
N LEU A 193 37.58 24.22 -9.52
CA LEU A 193 36.49 24.16 -8.56
C LEU A 193 36.65 25.23 -7.47
N LEU A 194 37.87 25.44 -6.99
CA LEU A 194 38.11 26.46 -5.98
C LEU A 194 37.85 27.85 -6.53
N SER A 195 38.24 28.10 -7.78
CA SER A 195 37.96 29.39 -8.41
C SER A 195 36.46 29.61 -8.53
N LEU A 196 35.71 28.57 -8.90
CA LEU A 196 34.26 28.68 -8.98
C LEU A 196 33.66 29.00 -7.62
N ILE A 197 34.19 28.39 -6.56
CA ILE A 197 33.64 28.59 -5.22
C ILE A 197 33.81 30.03 -4.78
N ASN A 198 35.00 30.61 -5.03
CA ASN A 198 35.22 31.99 -4.61
C ASN A 198 34.46 33.00 -5.46
N ASP A 199 33.87 32.58 -6.57
CA ASP A 199 33.05 33.47 -7.38
C ASP A 199 31.57 33.20 -7.18
N MET A 200 31.20 32.42 -6.18
CA MET A 200 29.79 32.15 -5.90
C MET A 200 29.19 33.28 -5.07
N PRO A 201 27.88 33.52 -5.18
CA PRO A 201 27.23 34.55 -4.36
C PRO A 201 26.89 34.05 -2.97
N ILE A 202 27.93 33.79 -2.19
CA ILE A 202 27.80 33.29 -0.83
C ILE A 202 28.73 34.11 0.06
N THR A 203 28.73 33.70 1.32
CA THR A 203 29.46 34.40 2.38
C THR A 203 30.89 33.91 2.39
N ASN A 204 31.77 34.72 2.98
CA ASN A 204 33.14 34.24 3.08
C ASN A 204 33.24 32.93 3.86
N ASP A 205 32.40 32.75 4.88
CA ASP A 205 32.46 31.51 5.66
C ASP A 205 31.93 30.33 4.86
N GLN A 206 30.89 30.54 4.05
CA GLN A 206 30.40 29.47 3.18
C GLN A 206 31.47 29.07 2.17
N LYS A 207 32.23 30.04 1.66
CA LYS A 207 33.34 29.72 0.76
C LYS A 207 34.42 28.92 1.48
N LYS A 208 34.70 29.26 2.74
CA LYS A 208 35.62 28.45 3.53
C LYS A 208 35.06 27.06 3.77
N LEU A 209 33.73 26.96 3.95
CA LEU A 209 33.09 25.67 4.18
C LEU A 209 33.28 24.75 2.99
N MET A 210 32.98 25.24 1.78
CA MET A 210 33.10 24.39 0.60
C MET A 210 34.56 24.13 0.25
N SER A 211 35.44 25.10 0.48
CA SER A 211 36.85 24.92 0.15
C SER A 211 37.52 23.88 1.05
N ASN A 212 36.96 23.60 2.22
CA ASN A 212 37.47 22.56 3.09
C ASN A 212 36.80 21.22 2.88
N ASN A 213 35.78 21.16 2.03
CA ASN A 213 35.02 19.93 1.80
C ASN A 213 34.74 19.76 0.31
N VAL A 214 35.78 19.94 -0.53
CA VAL A 214 35.59 19.88 -1.97
C VAL A 214 35.13 18.50 -2.41
N GLN A 215 35.54 17.46 -1.68
CA GLN A 215 35.10 16.10 -2.01
C GLN A 215 33.60 15.94 -1.79
N ILE A 216 33.08 16.52 -0.71
CA ILE A 216 31.64 16.50 -0.48
C ILE A 216 30.93 17.37 -1.53
N VAL A 217 31.51 18.53 -1.86
CA VAL A 217 30.92 19.39 -2.86
C VAL A 217 30.86 18.68 -4.21
N ARG A 218 31.92 17.93 -4.55
CA ARG A 218 31.90 17.14 -5.78
C ARG A 218 30.81 16.07 -5.73
N GLN A 219 30.63 15.43 -4.57
CA GLN A 219 29.64 14.37 -4.44
C GLN A 219 28.22 14.91 -4.54
N GLN A 220 28.01 16.18 -4.18
CA GLN A 220 26.68 16.78 -4.21
C GLN A 220 26.44 17.66 -5.43
N SER A 221 27.30 17.56 -6.45
CA SER A 221 27.19 18.37 -7.65
C SER A 221 26.97 17.49 -8.87
N TYR A 222 26.47 18.12 -9.93
CA TYR A 222 26.19 17.43 -11.20
C TYR A 222 26.91 18.13 -12.34
N SER A 223 27.35 17.33 -13.31
CA SER A 223 27.93 17.83 -14.55
C SER A 223 27.03 17.40 -15.70
N ILE A 224 26.61 18.37 -16.53
CA ILE A 224 25.59 18.13 -17.54
C ILE A 224 26.11 18.57 -18.89
N MET A 225 26.28 17.62 -19.82
CA MET A 225 26.63 17.94 -21.19
C MET A 225 25.53 18.80 -21.82
N CYS A 226 25.92 19.90 -22.46
CA CYS A 226 24.93 20.84 -22.99
CA CYS A 226 24.96 20.86 -22.99
C CYS A 226 24.96 20.93 -24.52
N ILE A 227 26.09 21.26 -25.13
CA ILE A 227 26.07 21.65 -26.54
C ILE A 227 27.48 21.60 -27.12
N ILE A 228 27.55 21.33 -28.42
CA ILE A 228 28.74 21.52 -29.24
C ILE A 228 28.33 22.33 -30.46
N LYS A 229 28.89 23.54 -30.58
CA LYS A 229 28.42 24.46 -31.62
C LYS A 229 29.46 25.55 -31.82
N GLU A 230 29.84 25.77 -33.07
CA GLU A 230 30.74 26.85 -33.47
C GLU A 230 32.06 26.78 -32.70
N GLU A 231 32.70 25.61 -32.78
CA GLU A 231 34.02 25.36 -32.20
C GLU A 231 34.02 25.40 -30.68
N VAL A 232 32.86 25.28 -30.04
CA VAL A 232 32.76 25.36 -28.58
C VAL A 232 32.05 24.11 -28.07
N LEU A 233 32.72 23.35 -27.21
CA LEU A 233 32.12 22.27 -26.45
C LEU A 233 31.79 22.82 -25.07
N ALA A 234 30.52 22.72 -24.68
CA ALA A 234 30.06 23.32 -23.43
C ALA A 234 29.30 22.30 -22.61
N TYR A 235 29.64 22.21 -21.32
CA TYR A 235 28.83 21.52 -20.34
C TYR A 235 28.65 22.41 -19.12
N VAL A 236 27.54 22.21 -18.42
CA VAL A 236 27.18 23.01 -17.25
C VAL A 236 27.35 22.13 -16.01
N VAL A 237 28.09 22.70 -15.05
CA VAL A 237 28.27 22.04 -13.73
C VAL A 237 27.31 22.71 -12.75
N GLN A 238 26.55 21.92 -11.98
CA GLN A 238 25.54 22.43 -11.06
C GLN A 238 25.98 22.12 -9.64
N LEU A 239 26.11 23.17 -8.82
CA LEU A 239 26.62 23.04 -7.47
C LEU A 239 25.56 23.44 -6.45
N PRO A 240 25.65 22.93 -5.22
CA PRO A 240 24.65 23.29 -4.20
C PRO A 240 24.94 24.64 -3.55
N LEU A 241 23.85 25.31 -3.16
CA LEU A 241 23.93 26.54 -2.37
C LEU A 241 23.46 26.23 -0.95
N TYR A 242 24.34 26.47 0.02
CA TYR A 242 24.08 26.13 1.42
C TYR A 242 23.58 27.35 2.19
N GLY A 243 22.60 27.13 3.07
CA GLY A 243 22.07 28.18 3.90
C GLY A 243 22.01 27.83 5.38
N SER A 263 24.58 7.95 -5.59
CA SER A 263 23.87 6.68 -5.88
C SER A 263 23.07 6.85 -7.18
N ALA A 264 22.04 7.72 -7.19
CA ALA A 264 21.43 7.86 -8.53
C ALA A 264 21.00 9.31 -8.74
N LEU A 265 20.24 9.53 -9.80
CA LEU A 265 19.77 10.88 -10.08
C LEU A 265 18.30 11.01 -9.66
N ARG A 266 17.99 12.05 -8.90
CA ARG A 266 16.63 12.32 -8.46
C ARG A 266 15.85 12.92 -9.62
N THR A 267 14.93 12.14 -10.19
CA THR A 267 14.16 12.58 -11.34
C THR A 267 12.84 13.25 -10.98
N GLY A 268 12.41 13.17 -9.73
CA GLY A 268 11.14 13.74 -9.33
C GLY A 268 10.94 13.59 -7.84
N TRP A 269 9.76 14.04 -7.39
CA TRP A 269 9.40 14.01 -5.99
C TRP A 269 8.13 13.21 -5.79
N TYR A 270 8.01 12.60 -4.60
CA TYR A 270 6.80 11.88 -4.21
C TYR A 270 6.34 12.45 -2.87
N THR A 271 5.08 12.87 -2.80
CA THR A 271 4.53 13.52 -1.63
C THR A 271 3.45 12.65 -0.99
N SER A 272 3.50 12.53 0.34
CA SER A 272 2.47 11.85 1.11
C SER A 272 1.97 12.78 2.21
N VAL A 273 0.79 12.47 2.73
CA VAL A 273 0.17 13.26 3.78
C VAL A 273 0.21 12.45 5.07
N ILE A 274 0.81 13.02 6.11
CA ILE A 274 0.94 12.37 7.41
C ILE A 274 0.05 13.12 8.40
N THR A 275 -0.86 12.39 9.03
CA THR A 275 -1.85 13.01 9.91
C THR A 275 -1.69 12.53 11.34
N ILE A 276 -1.99 13.44 12.26
CA ILE A 276 -2.15 13.12 13.68
C ILE A 276 -3.56 13.54 14.08
N GLU A 277 -4.28 12.62 14.71
CA GLU A 277 -5.67 12.88 15.09
C GLU A 277 -5.71 13.62 16.42
N LEU A 278 -6.25 14.83 16.40
CA LEU A 278 -6.26 15.71 17.56
C LEU A 278 -7.60 15.64 18.29
N SER A 279 -7.55 15.86 19.60
CA SER A 279 -8.75 15.95 20.42
C SER A 279 -8.98 17.42 20.79
N ASN A 280 -10.14 17.94 20.42
CA ASN A 280 -10.51 19.32 20.74
C ASN A 280 -11.11 19.33 22.15
N ILE A 281 -10.34 19.83 23.11
CA ILE A 281 -10.78 19.92 24.50
C ILE A 281 -10.28 21.23 25.08
N LYS A 282 -11.19 21.96 25.72
CA LYS A 282 -10.82 23.14 26.49
C LYS A 282 -10.51 22.75 27.93
N GLU A 283 -9.75 23.61 28.60
CA GLU A 283 -9.20 23.27 29.91
C GLU A 283 -10.31 22.92 30.90
N ASN A 284 -10.13 21.81 31.60
CA ASN A 284 -11.07 21.32 32.62
C ASN A 284 -10.35 21.39 33.95
N LYS A 285 -10.42 22.55 34.60
CA LYS A 285 -9.78 22.75 35.90
C LYS A 285 -10.71 22.22 36.98
N CYS A 286 -10.49 20.96 37.36
CA CYS A 286 -11.23 20.34 38.45
C CYS A 286 -10.31 20.27 39.68
N ASN A 287 -10.80 19.62 40.73
CA ASN A 287 -10.04 19.53 41.98
C ASN A 287 -8.86 18.58 41.79
N GLY A 288 -7.68 19.14 41.54
CA GLY A 288 -6.48 18.35 41.43
C GLY A 288 -5.59 18.49 42.65
N THR A 289 -5.60 17.48 43.51
CA THR A 289 -4.85 17.53 44.77
C THR A 289 -3.53 16.79 44.68
N ASP A 290 -3.56 15.49 44.38
CA ASP A 290 -2.34 14.72 44.38
C ASP A 290 -1.51 14.98 43.13
N ALA A 291 -0.31 14.42 43.10
CA ALA A 291 0.61 14.64 42.00
C ALA A 291 0.24 13.84 40.75
N LYS A 292 -0.52 12.76 40.89
CA LYS A 292 -0.88 11.97 39.71
C LYS A 292 -1.90 12.70 38.84
N VAL A 293 -2.88 13.36 39.47
CA VAL A 293 -3.76 14.25 38.71
C VAL A 293 -2.98 15.43 38.17
N LYS A 294 -2.08 16.00 38.98
CA LYS A 294 -1.35 17.17 38.56
C LYS A 294 -0.48 16.87 37.34
N LEU A 295 0.08 15.65 37.27
CA LEU A 295 0.94 15.31 36.14
C LEU A 295 0.15 15.17 34.84
N ILE A 296 -1.07 14.61 34.92
CA ILE A 296 -1.91 14.52 33.73
C ILE A 296 -2.25 15.91 33.21
N LYS A 297 -2.59 16.83 34.11
CA LYS A 297 -2.92 18.19 33.69
C LYS A 297 -1.71 18.92 33.11
N GLN A 298 -0.51 18.68 33.62
CA GLN A 298 0.68 19.21 32.96
C GLN A 298 0.83 18.65 31.55
N GLU A 299 0.58 17.34 31.39
CA GLU A 299 0.70 16.74 30.06
C GLU A 299 -0.40 17.25 29.14
N LEU A 300 -1.60 17.47 29.67
CA LEU A 300 -2.66 18.07 28.87
C LEU A 300 -2.29 19.49 28.44
N ASP A 301 -1.66 20.24 29.34
CA ASP A 301 -1.18 21.58 28.98
C ASP A 301 -0.06 21.51 27.95
N LYS A 302 0.81 20.50 28.04
CA LYS A 302 1.79 20.27 26.98
C LYS A 302 1.11 20.03 25.64
N TYR A 303 0.05 19.23 25.66
CA TYR A 303 -0.68 18.93 24.43
C TYR A 303 -1.27 20.19 23.80
N LYS A 304 -1.98 20.98 24.61
CA LYS A 304 -2.64 22.17 24.08
C LYS A 304 -1.62 23.20 23.58
N ASN A 305 -0.50 23.35 24.29
CA ASN A 305 0.52 24.31 23.86
C ASN A 305 1.10 23.91 22.51
N ALA A 306 1.30 22.61 22.28
CA ALA A 306 1.86 22.16 21.01
C ALA A 306 0.96 22.52 19.84
N VAL A 307 -0.35 22.32 19.99
CA VAL A 307 -1.29 22.67 18.92
C VAL A 307 -1.25 24.16 18.65
N THR A 308 -1.29 24.98 19.72
CA THR A 308 -1.28 26.43 19.55
C THR A 308 0.06 26.91 19.03
N ASP A 309 1.17 26.27 19.45
CA ASP A 309 2.47 26.62 18.89
C ASP A 309 2.53 26.31 17.40
N LEU A 310 2.02 25.15 16.99
CA LEU A 310 1.99 24.81 15.57
C LEU A 310 1.04 25.73 14.81
N GLN A 311 -0.10 26.06 15.41
CA GLN A 311 -1.00 27.02 14.77
C GLN A 311 -0.31 28.36 14.55
N LEU A 312 0.37 28.88 15.58
CA LEU A 312 1.09 30.13 15.44
C LEU A 312 2.22 30.00 14.42
N LEU A 313 2.88 28.84 14.38
CA LEU A 313 3.99 28.64 13.47
C LEU A 313 3.53 28.74 12.01
N MET A 314 2.38 28.16 11.68
CA MET A 314 1.91 28.19 10.31
C MET A 314 1.45 29.58 9.88
N GLN A 315 0.90 30.36 10.81
CA GLN A 315 0.48 31.73 10.49
C GLN A 315 1.66 32.66 10.27
N SER A 316 2.90 32.18 10.36
CA SER A 316 4.07 33.01 10.20
C SER A 316 5.05 32.50 9.15
N THR A 317 4.70 31.44 8.43
CA THR A 317 5.63 30.86 7.46
C THR A 317 5.85 31.84 6.30
N PRO A 318 7.09 32.04 5.86
CA PRO A 318 7.32 32.80 4.62
C PRO A 318 6.93 31.98 3.40
N ALA A 319 7.05 32.57 2.22
CA ALA A 319 6.68 31.89 0.99
C ALA A 319 7.90 31.24 0.34
N THR A 320 7.63 30.21 -0.46
CA THR A 320 8.64 29.53 -1.25
C THR A 320 8.43 29.82 -2.73
N GLY A 321 9.50 29.67 -3.51
CA GLY A 321 9.44 29.87 -4.94
C GLY A 321 9.27 28.57 -5.70
N SER A 322 8.99 28.71 -7.01
CA SER A 322 8.87 27.54 -7.86
C SER A 322 10.18 26.78 -7.96
N GLY A 323 11.31 27.45 -7.70
CA GLY A 323 12.60 26.82 -7.63
C GLY A 323 12.97 26.27 -6.27
N SER A 324 12.10 26.38 -5.28
CA SER A 324 12.37 25.79 -3.98
C SER A 324 12.24 24.27 -4.06
N ALA A 325 13.10 23.57 -3.30
CA ALA A 325 13.10 22.12 -3.34
C ALA A 325 11.82 21.52 -2.77
N ILE A 326 11.02 22.30 -2.04
CA ILE A 326 9.82 21.80 -1.39
C ILE A 326 8.59 22.40 -2.05
N ALA A 327 8.70 22.77 -3.33
CA ALA A 327 7.55 23.30 -4.04
C ALA A 327 6.47 22.23 -4.21
N SER A 328 6.87 20.99 -4.47
CA SER A 328 5.90 19.91 -4.60
C SER A 328 5.09 19.74 -3.32
N GLY A 329 5.79 19.64 -2.19
CA GLY A 329 5.08 19.47 -0.92
C GLY A 329 4.19 20.65 -0.59
N VAL A 330 4.69 21.88 -0.80
CA VAL A 330 3.90 23.07 -0.51
C VAL A 330 2.64 23.12 -1.36
N ALA A 331 2.77 22.82 -2.65
CA ALA A 331 1.60 22.79 -3.52
C ALA A 331 0.57 21.79 -3.03
N VAL A 332 1.02 20.64 -2.50
CA VAL A 332 0.10 19.67 -1.93
C VAL A 332 -0.52 20.19 -0.64
N CYS A 333 0.26 20.91 0.17
CA CYS A 333 -0.28 21.49 1.40
CA CYS A 333 -0.29 21.47 1.39
C CYS A 333 -1.46 22.40 1.10
N LYS A 334 -1.30 23.28 0.11
CA LYS A 334 -2.36 24.22 -0.23
C LYS A 334 -3.60 23.49 -0.75
N VAL A 335 -3.40 22.40 -1.49
CA VAL A 335 -4.54 21.62 -1.95
C VAL A 335 -5.35 21.09 -0.76
N LEU A 336 -4.65 20.73 0.33
CA LEU A 336 -5.32 20.30 1.54
C LEU A 336 -6.18 21.40 2.15
N HIS A 337 -5.96 22.66 1.76
CA HIS A 337 -6.79 23.76 2.22
C HIS A 337 -8.06 23.94 1.39
N LEU A 338 -8.23 23.16 0.32
CA LEU A 338 -9.45 23.22 -0.45
C LEU A 338 -10.61 22.61 0.33
N GLU A 339 -11.81 23.02 -0.04
CA GLU A 339 -13.02 22.62 0.70
C GLU A 339 -13.16 21.12 0.91
N GLY A 340 -13.31 20.72 2.17
CA GLY A 340 -13.63 19.37 2.54
C GLY A 340 -12.54 18.34 2.34
N GLU A 341 -11.33 18.76 1.98
CA GLU A 341 -10.24 17.80 1.82
C GLU A 341 -9.88 17.15 3.14
N VAL A 342 -9.81 17.94 4.21
CA VAL A 342 -9.46 17.38 5.52
C VAL A 342 -10.54 16.40 5.98
N ASN A 343 -11.80 16.72 5.72
CA ASN A 343 -12.88 15.79 6.02
C ASN A 343 -12.73 14.51 5.20
N LYS A 344 -12.33 14.64 3.94
CA LYS A 344 -12.12 13.47 3.08
C LYS A 344 -11.05 12.55 3.66
N ILE A 345 -9.92 13.13 4.07
CA ILE A 345 -8.85 12.34 4.66
C ILE A 345 -9.26 11.80 6.02
N LYS A 346 -10.01 12.61 6.79
CA LYS A 346 -10.44 12.16 8.10
C LYS A 346 -11.34 10.93 8.02
N SER A 347 -12.28 10.92 7.07
CA SER A 347 -13.15 9.76 6.89
C SER A 347 -12.36 8.55 6.42
N ALA A 348 -11.43 8.76 5.49
CA ALA A 348 -10.67 7.65 4.94
C ALA A 348 -9.80 6.97 6.00
N LEU A 349 -9.49 7.72 7.03
CA LEU A 349 -8.56 7.23 8.07
C LEU A 349 -9.35 6.98 9.35
N LEU A 350 -10.66 6.83 9.26
CA LEU A 350 -11.48 6.55 10.45
C LEU A 350 -11.23 5.14 10.96
N SER A 351 -11.17 4.16 10.07
CA SER A 351 -11.03 2.76 10.48
C SER A 351 -9.74 2.12 9.98
N THR A 352 -8.85 2.88 9.37
CA THR A 352 -7.57 2.35 8.93
C THR A 352 -6.49 3.41 9.13
N ASN A 353 -5.24 2.94 9.27
CA ASN A 353 -4.13 3.85 9.52
C ASN A 353 -3.56 4.46 8.24
N LYS A 354 -3.85 3.88 7.08
CA LYS A 354 -3.30 4.37 5.82
C LYS A 354 -4.33 4.16 4.72
N ALA A 355 -4.47 5.15 3.85
CA ALA A 355 -5.44 5.10 2.77
C ALA A 355 -5.00 6.02 1.64
N VAL A 356 -5.41 5.67 0.43
CA VAL A 356 -5.23 6.53 -0.73
C VAL A 356 -6.48 7.39 -0.88
N VAL A 357 -6.29 8.69 -1.05
CA VAL A 357 -7.39 9.64 -1.14
C VAL A 357 -7.26 10.43 -2.44
N SER A 358 -8.33 10.49 -3.21
CA SER A 358 -8.39 11.32 -4.40
C SER A 358 -8.85 12.72 -4.00
N LEU A 359 -8.00 13.72 -4.24
CA LEU A 359 -8.32 15.08 -3.87
C LEU A 359 -9.19 15.74 -4.94
N SER A 360 -9.81 16.86 -4.57
CA SER A 360 -10.56 17.64 -5.55
C SER A 360 -9.63 18.23 -6.60
N ASN A 361 -8.33 18.21 -6.33
CA ASN A 361 -7.32 18.49 -7.35
C ASN A 361 -7.40 17.49 -8.51
N GLY A 362 -7.97 16.31 -8.28
CA GLY A 362 -7.91 15.23 -9.23
C GLY A 362 -6.73 14.29 -9.02
N VAL A 363 -5.80 14.65 -8.16
CA VAL A 363 -4.61 13.83 -7.88
C VAL A 363 -4.91 12.94 -6.69
N SER A 364 -4.51 11.67 -6.78
CA SER A 364 -4.63 10.74 -5.68
C SER A 364 -3.36 10.81 -4.82
N VAL A 365 -3.55 10.90 -3.51
CA VAL A 365 -2.44 11.05 -2.58
C VAL A 365 -2.55 9.98 -1.50
N LEU A 366 -1.40 9.52 -1.02
CA LEU A 366 -1.34 8.53 0.04
C LEU A 366 -1.33 9.24 1.38
N THR A 367 -2.24 8.86 2.27
CA THR A 367 -2.37 9.50 3.58
C THR A 367 -2.07 8.49 4.68
N PHE A 368 -1.46 8.97 5.76
CA PHE A 368 -1.09 8.18 6.92
C PHE A 368 -1.76 8.74 8.16
N LYS A 369 -2.15 7.86 9.09
CA LYS A 369 -2.56 8.24 10.43
C LYS A 369 -1.55 7.62 11.40
N VAL A 370 -0.56 8.41 11.80
CA VAL A 370 0.53 7.87 12.61
C VAL A 370 0.25 7.97 14.11
N LEU A 371 -0.65 8.85 14.53
CA LEU A 371 -0.95 9.04 15.94
C LEU A 371 -2.41 9.45 16.07
N ASP A 372 -3.14 8.74 16.94
CA ASP A 372 -4.54 9.01 17.19
C ASP A 372 -4.67 9.49 18.63
N LEU A 373 -4.50 10.80 18.84
CA LEU A 373 -4.74 11.37 20.15
C LEU A 373 -6.20 11.73 20.38
N LYS A 374 -6.98 11.88 19.31
CA LYS A 374 -8.42 12.10 19.47
C LYS A 374 -9.06 10.91 20.18
N ASN A 375 -8.73 9.69 19.74
CA ASN A 375 -9.31 8.51 20.34
C ASN A 375 -8.77 8.25 21.74
N TYR A 376 -7.47 8.47 21.94
CA TYR A 376 -6.87 8.19 23.24
C TYR A 376 -7.40 9.17 24.29
N ILE A 377 -7.35 10.47 24.01
CA ILE A 377 -7.76 11.45 25.01
C ILE A 377 -9.25 11.35 25.30
N ASP A 378 -10.07 11.33 24.24
CA ASP A 378 -11.51 11.41 24.43
C ASP A 378 -12.11 10.11 24.95
N LYS A 379 -11.61 8.96 24.49
CA LYS A 379 -12.22 7.68 24.81
C LYS A 379 -11.47 6.85 25.85
N GLN A 380 -10.23 7.20 26.16
CA GLN A 380 -9.46 6.33 27.07
C GLN A 380 -8.97 7.11 28.28
N LEU A 381 -8.64 8.36 28.12
CA LEU A 381 -8.06 9.13 29.22
C LEU A 381 -9.11 9.96 29.96
N LEU A 382 -9.83 10.81 29.23
CA LEU A 382 -10.88 11.62 29.86
C LEU A 382 -11.94 10.80 30.59
N PRO A 383 -12.44 9.67 30.05
CA PRO A 383 -13.42 8.89 30.82
C PRO A 383 -12.92 8.43 32.17
N ILE A 384 -11.65 8.04 32.27
CA ILE A 384 -11.11 7.60 33.56
C ILE A 384 -11.04 8.78 34.53
N LEU A 385 -10.46 9.90 34.08
CA LEU A 385 -10.28 11.05 34.95
C LEU A 385 -11.61 11.73 35.21
N ASN A 386 -12.27 12.21 34.16
CA ASN A 386 -13.41 13.09 34.32
C ASN A 386 -14.68 12.33 34.69
N LYS A 387 -15.64 13.11 35.19
CA LYS A 387 -16.99 12.73 35.58
C LYS A 387 -17.50 13.82 36.52
N GLN A 388 -16.54 14.60 37.05
CA GLN A 388 -16.75 15.88 37.72
C GLN A 388 -15.41 16.38 38.25
N SER A 389 -15.12 16.16 39.53
CA SER A 389 -13.80 16.43 40.07
C SER A 389 -12.86 15.30 39.66
N CYS A 390 -11.64 15.67 39.28
CA CYS A 390 -10.72 14.73 38.65
C CYS A 390 -10.48 13.51 39.53
N SER A 391 -10.85 12.34 39.00
CA SER A 391 -10.50 11.09 39.65
C SER A 391 -9.00 10.85 39.58
N ILE A 392 -8.46 10.25 40.64
CA ILE A 392 -7.03 9.95 40.71
C ILE A 392 -6.68 8.90 39.67
N PRO A 393 -5.78 9.19 38.74
CA PRO A 393 -5.40 8.20 37.73
C PRO A 393 -4.31 7.27 38.22
N ASN A 394 -4.26 6.10 37.59
CA ASN A 394 -3.20 5.15 37.88
C ASN A 394 -1.86 5.72 37.43
N ILE A 395 -0.78 5.37 38.14
CA ILE A 395 0.52 5.90 37.77
C ILE A 395 0.94 5.38 36.40
N GLU A 396 0.58 4.14 36.06
CA GLU A 396 0.84 3.63 34.72
C GLU A 396 0.08 4.41 33.66
N THR A 397 -1.09 4.94 34.00
CA THR A 397 -1.83 5.79 33.08
C THR A 397 -1.05 7.05 32.75
N VAL A 398 -0.44 7.67 33.76
CA VAL A 398 0.36 8.87 33.53
C VAL A 398 1.55 8.54 32.66
N ILE A 399 2.15 7.37 32.85
CA ILE A 399 3.23 6.95 31.97
C ILE A 399 2.75 6.90 30.52
N GLU A 400 1.62 6.20 30.29
CA GLU A 400 1.16 5.96 28.92
C GLU A 400 0.84 7.25 28.18
N PHE A 401 0.18 8.19 28.86
CA PHE A 401 -0.14 9.46 28.22
C PHE A 401 1.12 10.21 27.82
N GLN A 402 2.15 10.17 28.67
CA GLN A 402 3.40 10.86 28.36
C GLN A 402 4.06 10.30 27.11
N GLN A 403 4.04 8.98 26.93
CA GLN A 403 4.67 8.38 25.77
C GLN A 403 3.90 8.70 24.49
N LYS A 404 2.57 8.69 24.55
CA LYS A 404 1.77 9.02 23.37
C LYS A 404 1.93 10.48 22.99
N ASN A 405 1.92 11.38 23.97
CA ASN A 405 2.05 12.81 23.69
C ASN A 405 3.46 13.22 23.33
N ASN A 406 4.45 12.39 23.66
CA ASN A 406 5.84 12.78 23.42
C ASN A 406 6.12 12.97 21.93
N ARG A 407 5.59 12.08 21.08
CA ARG A 407 5.84 12.20 19.65
C ARG A 407 5.31 13.52 19.11
N LEU A 408 4.11 13.93 19.55
CA LEU A 408 3.55 15.20 19.11
C LEU A 408 4.44 16.37 19.53
N LEU A 409 4.94 16.34 20.77
CA LEU A 409 5.78 17.42 21.25
C LEU A 409 7.10 17.48 20.49
N GLU A 410 7.69 16.32 20.18
CA GLU A 410 8.93 16.30 19.42
C GLU A 410 8.72 16.78 17.99
N ILE A 411 7.62 16.36 17.36
CA ILE A 411 7.31 16.85 16.02
C ILE A 411 7.11 18.36 16.04
N THR A 412 6.36 18.85 17.03
CA THR A 412 6.17 20.29 17.19
C THR A 412 7.49 21.00 17.42
N ARG A 413 8.36 20.44 18.25
CA ARG A 413 9.65 21.07 18.51
C ARG A 413 10.50 21.14 17.25
N GLU A 414 10.53 20.06 16.47
CA GLU A 414 11.34 20.04 15.25
C GLU A 414 10.82 21.06 14.23
N PHE A 415 9.50 21.15 14.09
CA PHE A 415 8.93 22.14 13.17
C PHE A 415 9.22 23.55 13.64
N SER A 416 9.14 23.80 14.95
CA SER A 416 9.28 25.16 15.47
C SER A 416 10.67 25.72 15.22
N VAL A 417 11.71 24.91 15.44
CA VAL A 417 13.09 25.41 15.31
C VAL A 417 13.57 25.41 13.87
N ASN A 418 12.73 25.02 12.91
CA ASN A 418 13.11 25.01 11.51
C ASN A 418 12.04 25.67 10.64
N ALA A 419 11.14 26.45 11.24
CA ALA A 419 10.12 27.21 10.51
C ALA A 419 9.23 26.31 9.66
N GLY A 420 8.89 25.14 10.20
CA GLY A 420 7.90 24.27 9.58
C GLY A 420 8.41 23.41 8.44
N VAL A 421 9.71 23.39 8.18
CA VAL A 421 10.31 22.50 7.19
C VAL A 421 11.53 21.86 7.82
N THR A 422 11.56 20.54 7.86
CA THR A 422 12.65 19.80 8.47
C THR A 422 13.25 18.82 7.45
N THR A 423 14.56 18.61 7.56
CA THR A 423 15.25 17.60 6.80
C THR A 423 16.58 17.36 7.49
N PRO A 424 17.02 16.11 7.68
CA PRO A 424 16.38 14.84 7.29
C PRO A 424 15.07 14.59 8.03
N VAL A 425 14.21 13.72 7.48
CA VAL A 425 12.94 13.41 8.13
C VAL A 425 13.23 12.49 9.32
N SER A 426 13.08 13.04 10.53
CA SER A 426 13.38 12.28 11.73
C SER A 426 12.42 11.10 11.87
N THR A 427 12.80 10.15 12.72
CA THR A 427 11.94 9.01 13.01
C THR A 427 10.68 9.42 13.75
N TYR A 428 10.65 10.60 14.36
CA TYR A 428 9.44 11.08 14.99
C TYR A 428 8.43 11.56 13.95
N MET A 429 8.91 12.16 12.87
CA MET A 429 8.02 12.51 11.77
C MET A 429 7.47 11.25 11.12
N LEU A 430 8.32 10.23 10.97
CA LEU A 430 7.92 9.01 10.28
C LEU A 430 8.81 7.89 10.84
N THR A 431 8.19 6.92 11.50
CA THR A 431 8.96 5.85 12.09
C THR A 431 9.51 4.93 11.00
N ASN A 432 10.43 4.04 11.42
CA ASN A 432 11.00 3.07 10.48
C ASN A 432 9.92 2.19 9.88
N SER A 433 8.98 1.73 10.70
CA SER A 433 7.88 0.94 10.20
C SER A 433 7.05 1.72 9.18
N GLU A 434 6.73 2.98 9.51
CA GLU A 434 5.89 3.77 8.63
C GLU A 434 6.59 4.08 7.32
N LEU A 435 7.88 4.41 7.38
CA LEU A 435 8.61 4.74 6.16
C LEU A 435 8.70 3.53 5.22
N LEU A 436 8.97 2.35 5.78
CA LEU A 436 8.97 1.14 4.97
C LEU A 436 7.58 0.88 4.38
N SER A 437 6.54 1.13 5.16
CA SER A 437 5.17 0.95 4.66
C SER A 437 4.90 1.87 3.48
N LEU A 438 5.37 3.12 3.55
CA LEU A 438 5.17 4.06 2.45
C LEU A 438 5.91 3.63 1.20
N ILE A 439 7.15 3.16 1.35
CA ILE A 439 8.00 2.87 0.20
C ILE A 439 7.37 1.78 -0.67
N ASN A 440 6.72 0.80 -0.05
CA ASN A 440 6.08 -0.26 -0.82
C ASN A 440 4.82 0.20 -1.55
N ASP A 441 4.36 1.42 -1.30
CA ASP A 441 3.21 1.95 -2.00
C ASP A 441 3.58 2.95 -3.10
N MET A 442 4.86 3.30 -3.22
CA MET A 442 5.27 4.28 -4.21
C MET A 442 5.16 3.72 -5.62
N PRO A 443 4.97 4.58 -6.64
CA PRO A 443 4.87 4.11 -8.03
C PRO A 443 6.23 3.81 -8.64
N ILE A 444 6.93 2.84 -8.06
CA ILE A 444 8.27 2.49 -8.45
C ILE A 444 8.37 0.98 -8.61
N THR A 445 9.36 0.53 -9.37
CA THR A 445 9.49 -0.89 -9.61
C THR A 445 9.94 -1.58 -8.32
N ASN A 446 9.75 -2.91 -8.30
CA ASN A 446 10.11 -3.69 -7.12
C ASN A 446 11.58 -3.52 -6.77
N ASP A 447 12.44 -3.42 -7.78
CA ASP A 447 13.86 -3.22 -7.52
C ASP A 447 14.10 -1.90 -6.78
N GLN A 448 13.42 -0.84 -7.18
CA GLN A 448 13.58 0.44 -6.48
C GLN A 448 13.05 0.37 -5.06
N LYS A 449 12.00 -0.43 -4.83
CA LYS A 449 11.48 -0.58 -3.48
C LYS A 449 12.50 -1.23 -2.55
N LYS A 450 13.19 -2.30 -3.00
CA LYS A 450 14.27 -2.86 -2.20
C LYS A 450 15.44 -1.92 -2.07
N LEU A 451 15.71 -1.15 -3.13
CA LEU A 451 16.80 -0.20 -3.08
C LEU A 451 16.57 0.82 -1.99
N MET A 452 15.36 1.38 -1.92
CA MET A 452 15.06 2.36 -0.88
C MET A 452 14.99 1.71 0.50
N SER A 453 14.43 0.50 0.59
CA SER A 453 14.26 -0.15 1.90
C SER A 453 15.60 -0.46 2.56
N ASN A 454 16.62 -0.78 1.77
CA ASN A 454 17.93 -1.07 2.33
C ASN A 454 18.75 0.18 2.60
N ASN A 455 18.24 1.35 2.21
CA ASN A 455 18.93 2.62 2.36
C ASN A 455 18.01 3.65 3.00
N VAL A 456 17.38 3.25 4.10
CA VAL A 456 16.38 4.09 4.77
C VAL A 456 16.99 5.40 5.23
N GLN A 457 18.21 5.35 5.79
CA GLN A 457 18.86 6.56 6.26
C GLN A 457 19.11 7.54 5.12
N ILE A 458 19.55 7.05 3.97
CA ILE A 458 19.77 7.91 2.82
C ILE A 458 18.46 8.52 2.35
N VAL A 459 17.39 7.73 2.33
CA VAL A 459 16.09 8.25 1.91
C VAL A 459 15.66 9.39 2.82
N ARG A 460 15.87 9.25 4.13
CA ARG A 460 15.46 10.30 5.06
C ARG A 460 16.20 11.60 4.79
N GLN A 461 17.48 11.51 4.42
CA GLN A 461 18.28 12.70 4.20
C GLN A 461 17.93 13.44 2.92
N GLN A 462 17.37 12.75 1.92
CA GLN A 462 16.91 13.40 0.71
C GLN A 462 15.46 13.84 0.79
N SER A 463 14.81 13.64 1.94
CA SER A 463 13.39 13.90 2.10
C SER A 463 13.15 15.13 2.97
N TYR A 464 11.95 15.68 2.85
CA TYR A 464 11.53 16.81 3.65
C TYR A 464 10.23 16.47 4.38
N SER A 465 10.03 17.11 5.53
CA SER A 465 8.75 17.12 6.22
C SER A 465 8.27 18.56 6.32
N ILE A 466 7.06 18.81 5.84
CA ILE A 466 6.52 20.17 5.70
C ILE A 466 5.21 20.24 6.47
N MET A 467 5.18 21.05 7.53
CA MET A 467 3.95 21.26 8.26
C MET A 467 2.93 21.92 7.34
N CYS A 468 1.70 21.42 7.33
CA CYS A 468 0.68 21.89 6.41
CA CYS A 468 0.69 21.90 6.41
C CYS A 468 -0.45 22.63 7.11
N ILE A 469 -1.15 21.98 8.03
CA ILE A 469 -2.43 22.50 8.47
C ILE A 469 -2.88 21.84 9.76
N ILE A 470 -3.66 22.59 10.56
CA ILE A 470 -4.43 22.04 11.67
C ILE A 470 -5.87 22.49 11.46
N LYS A 471 -6.77 21.54 11.22
CA LYS A 471 -8.14 21.89 10.86
C LYS A 471 -9.05 20.72 11.19
N GLU A 472 -10.13 21.00 11.91
CA GLU A 472 -11.15 20.02 12.26
C GLU A 472 -10.54 18.78 12.92
N GLU A 473 -9.79 19.05 14.01
CA GLU A 473 -9.21 18.00 14.85
C GLU A 473 -8.22 17.12 14.09
N VAL A 474 -7.55 17.67 13.09
CA VAL A 474 -6.59 16.93 12.28
C VAL A 474 -5.30 17.75 12.14
N LEU A 475 -4.17 17.14 12.45
CA LEU A 475 -2.86 17.74 12.24
C LEU A 475 -2.22 17.01 11.05
N ALA A 476 -1.93 17.76 10.00
CA ALA A 476 -1.40 17.18 8.77
C ALA A 476 -0.10 17.85 8.37
N TYR A 477 0.91 17.04 8.05
CA TYR A 477 2.13 17.53 7.43
C TYR A 477 2.48 16.63 6.26
N VAL A 478 3.02 17.24 5.20
CA VAL A 478 3.37 16.51 3.98
C VAL A 478 4.83 16.11 4.03
N VAL A 479 5.09 14.86 3.66
CA VAL A 479 6.45 14.31 3.60
C VAL A 479 6.78 14.06 2.14
N GLN A 480 7.96 14.50 1.73
CA GLN A 480 8.35 14.58 0.32
C GLN A 480 9.59 13.73 0.08
N LEU A 481 9.44 12.62 -0.65
CA LEU A 481 10.54 11.67 -0.86
C LEU A 481 11.07 11.75 -2.28
N PRO A 482 12.34 11.37 -2.49
CA PRO A 482 12.91 11.38 -3.84
C PRO A 482 12.37 10.27 -4.71
N LEU A 483 12.40 10.52 -6.02
CA LEU A 483 12.17 9.50 -7.04
C LEU A 483 13.39 9.45 -7.94
N TYR A 484 13.96 8.25 -8.11
CA TYR A 484 15.20 8.08 -8.86
C TYR A 484 14.98 7.45 -10.23
N GLY A 485 13.75 7.24 -10.65
CA GLY A 485 13.46 6.61 -11.93
C GLY A 485 13.03 7.58 -13.01
N SER B 21 -11.69 -16.50 11.88
CA SER B 21 -12.92 -17.16 11.39
C SER B 21 -14.10 -16.64 12.20
N ALA B 22 -13.91 -16.58 13.51
CA ALA B 22 -15.00 -16.14 14.38
C ALA B 22 -15.10 -14.63 14.40
N LEU B 23 -14.08 -13.91 13.93
CA LEU B 23 -14.32 -12.47 13.97
C LEU B 23 -14.37 -11.85 12.58
N ARG B 24 -14.43 -12.66 11.53
CA ARG B 24 -14.48 -12.14 10.18
C ARG B 24 -15.81 -11.43 9.92
N THR B 25 -15.75 -10.25 9.31
CA THR B 25 -16.92 -9.44 9.06
C THR B 25 -17.13 -9.10 7.59
N GLY B 26 -16.14 -9.32 6.73
CA GLY B 26 -16.29 -9.04 5.32
C GLY B 26 -15.19 -9.72 4.52
N TRP B 27 -15.20 -9.47 3.22
CA TRP B 27 -14.22 -10.03 2.30
C TRP B 27 -13.44 -8.90 1.63
N TYR B 28 -12.17 -9.15 1.36
CA TYR B 28 -11.30 -8.22 0.66
C TYR B 28 -10.70 -8.93 -0.55
N THR B 29 -10.83 -8.31 -1.73
CA THR B 29 -10.43 -8.92 -2.98
C THR B 29 -9.40 -8.06 -3.70
N SER B 30 -8.38 -8.70 -4.26
CA SER B 30 -7.31 -8.03 -4.97
C SER B 30 -7.06 -8.74 -6.30
N VAL B 31 -6.60 -7.97 -7.29
CA VAL B 31 -6.37 -8.48 -8.64
C VAL B 31 -4.90 -8.82 -8.78
N ILE B 32 -4.61 -10.07 -9.13
CA ILE B 32 -3.24 -10.56 -9.27
C ILE B 32 -3.03 -10.88 -10.74
N THR B 33 -2.04 -10.21 -11.36
CA THR B 33 -1.85 -10.28 -12.80
C THR B 33 -0.49 -10.86 -13.15
N ILE B 34 -0.44 -11.60 -14.25
CA ILE B 34 0.80 -12.11 -14.82
C ILE B 34 0.87 -11.64 -16.27
N GLU B 35 1.96 -10.96 -16.62
CA GLU B 35 2.13 -10.40 -17.94
C GLU B 35 2.56 -11.49 -18.93
N LEU B 36 1.83 -11.60 -20.03
CA LEU B 36 2.02 -12.68 -20.99
C LEU B 36 2.66 -12.16 -22.26
N SER B 37 3.43 -13.03 -22.92
CA SER B 37 4.03 -12.72 -24.21
C SER B 37 3.14 -13.24 -25.33
N ASN B 38 2.90 -12.40 -26.33
CA ASN B 38 2.14 -12.79 -27.51
C ASN B 38 3.13 -13.32 -28.54
N ILE B 39 3.40 -14.62 -28.46
CA ILE B 39 4.36 -15.29 -29.33
C ILE B 39 3.70 -16.53 -29.89
N LYS B 40 3.63 -16.62 -31.23
CA LYS B 40 3.08 -17.79 -31.89
C LYS B 40 4.16 -18.83 -32.11
N GLU B 41 3.87 -19.85 -32.91
CA GLU B 41 4.83 -20.93 -33.12
C GLU B 41 6.08 -20.43 -33.81
N ASN B 42 7.23 -20.62 -33.16
CA ASN B 42 8.53 -20.21 -33.67
C ASN B 42 9.31 -21.48 -33.99
N LYS B 43 9.12 -22.01 -35.20
CA LYS B 43 9.73 -23.27 -35.61
C LYS B 43 10.94 -22.96 -36.47
N CYS B 44 12.06 -22.69 -35.81
CA CYS B 44 13.35 -22.59 -36.47
C CYS B 44 14.16 -23.83 -36.14
N ASN B 45 15.17 -24.11 -36.99
CA ASN B 45 15.92 -25.35 -36.88
C ASN B 45 16.59 -25.51 -35.52
N GLY B 46 16.10 -26.46 -34.72
CA GLY B 46 16.69 -26.74 -33.44
C GLY B 46 17.34 -28.10 -33.41
N THR B 47 18.67 -28.14 -33.38
CA THR B 47 19.41 -29.39 -33.41
C THR B 47 19.90 -29.83 -32.04
N ASP B 48 20.60 -28.95 -31.32
CA ASP B 48 21.22 -29.33 -30.06
C ASP B 48 20.18 -29.36 -28.95
N ALA B 49 20.64 -29.69 -27.74
CA ALA B 49 19.73 -29.90 -26.62
C ALA B 49 19.30 -28.58 -25.98
N LYS B 50 20.18 -27.59 -25.93
CA LYS B 50 19.84 -26.33 -25.26
C LYS B 50 18.73 -25.59 -26.01
N VAL B 51 18.79 -25.58 -27.35
CA VAL B 51 17.70 -24.99 -28.12
C VAL B 51 16.43 -25.80 -27.94
N LYS B 52 16.48 -27.12 -27.90
CA LYS B 52 15.21 -27.85 -27.68
C LYS B 52 14.69 -27.63 -26.26
N LEU B 53 15.54 -27.62 -25.22
CA LEU B 53 14.99 -27.37 -23.88
C LEU B 53 14.28 -26.03 -23.79
N ILE B 54 14.77 -25.03 -24.52
CA ILE B 54 14.08 -23.74 -24.57
C ILE B 54 12.74 -23.88 -25.28
N LYS B 55 12.73 -24.55 -26.43
CA LYS B 55 11.49 -24.71 -27.19
C LYS B 55 10.46 -25.53 -26.42
N GLN B 56 10.91 -26.61 -25.77
CA GLN B 56 9.97 -27.41 -24.98
C GLN B 56 9.43 -26.63 -23.80
N GLU B 57 10.20 -25.67 -23.28
CA GLU B 57 9.69 -24.80 -22.23
C GLU B 57 8.70 -23.78 -22.76
N LEU B 58 8.91 -23.30 -23.99
CA LEU B 58 7.96 -22.38 -24.61
C LEU B 58 6.64 -23.08 -24.90
N ASP B 59 6.67 -24.38 -25.21
CA ASP B 59 5.42 -25.12 -25.38
C ASP B 59 4.68 -25.26 -24.06
N LYS B 60 5.42 -25.46 -22.96
CA LYS B 60 4.79 -25.50 -21.63
C LYS B 60 4.08 -24.19 -21.33
N TYR B 61 4.73 -23.06 -21.64
CA TYR B 61 4.12 -21.76 -21.45
C TYR B 61 2.86 -21.62 -22.30
N LYS B 62 2.93 -22.03 -23.57
CA LYS B 62 1.77 -21.88 -24.45
C LYS B 62 0.65 -22.84 -24.07
N ASN B 63 0.99 -24.08 -23.71
CA ASN B 63 -0.03 -25.02 -23.29
C ASN B 63 -0.68 -24.58 -21.98
N ALA B 64 0.08 -23.90 -21.11
CA ALA B 64 -0.49 -23.39 -19.87
C ALA B 64 -1.53 -22.30 -20.14
N VAL B 65 -1.26 -21.44 -21.13
CA VAL B 65 -2.21 -20.38 -21.46
C VAL B 65 -3.49 -20.96 -22.06
N THR B 66 -3.37 -21.94 -22.97
CA THR B 66 -4.55 -22.53 -23.56
C THR B 66 -5.30 -23.42 -22.57
N ASP B 67 -4.59 -24.03 -21.62
CA ASP B 67 -5.26 -24.80 -20.59
C ASP B 67 -6.16 -23.91 -19.73
N LEU B 68 -5.66 -22.74 -19.34
CA LEU B 68 -6.45 -21.83 -18.53
C LEU B 68 -7.62 -21.25 -19.31
N GLN B 69 -7.41 -20.94 -20.59
CA GLN B 69 -8.52 -20.49 -21.43
C GLN B 69 -9.59 -21.56 -21.54
N LEU B 70 -9.17 -22.81 -21.73
CA LEU B 70 -10.13 -23.93 -21.78
C LEU B 70 -10.78 -24.15 -20.42
N LEU B 71 -10.03 -23.94 -19.34
CA LEU B 71 -10.59 -24.10 -18.00
C LEU B 71 -11.69 -23.08 -17.73
N MET B 72 -11.53 -21.87 -18.23
CA MET B 72 -12.49 -20.80 -18.00
C MET B 72 -13.73 -20.88 -18.88
N GLN B 73 -13.82 -21.88 -19.76
CA GLN B 73 -15.05 -22.12 -20.49
C GLN B 73 -16.00 -23.06 -19.75
N SER B 74 -15.48 -23.84 -18.80
CA SER B 74 -16.29 -24.75 -18.00
C SER B 74 -16.46 -24.26 -16.57
N THR B 75 -16.27 -22.96 -16.34
CA THR B 75 -16.30 -22.41 -14.99
C THR B 75 -17.68 -22.61 -14.37
N PRO B 76 -17.77 -23.28 -13.22
CA PRO B 76 -19.08 -23.47 -12.58
C PRO B 76 -19.69 -22.15 -12.13
N ALA B 77 -21.02 -22.14 -12.08
CA ALA B 77 -21.74 -20.97 -11.63
C ALA B 77 -21.66 -20.82 -10.12
N THR B 78 -21.81 -19.59 -9.65
CA THR B 78 -21.79 -19.27 -8.23
C THR B 78 -23.04 -18.47 -7.88
N GLY B 79 -23.58 -18.73 -6.68
CA GLY B 79 -24.74 -18.01 -6.19
C GLY B 79 -24.37 -16.94 -5.18
N SER B 80 -25.41 -16.21 -4.74
CA SER B 80 -25.20 -15.14 -3.76
C SER B 80 -24.69 -15.68 -2.43
N GLY B 81 -25.01 -16.95 -2.11
CA GLY B 81 -24.54 -17.56 -0.88
C GLY B 81 -23.16 -18.16 -0.93
N SER B 82 -22.49 -18.13 -2.09
CA SER B 82 -21.15 -18.67 -2.21
C SER B 82 -20.14 -17.85 -1.42
N ALA B 83 -19.16 -18.54 -0.83
CA ALA B 83 -18.11 -17.84 -0.10
C ALA B 83 -17.28 -16.96 -1.01
N ILE B 84 -17.23 -17.28 -2.30
CA ILE B 84 -16.44 -16.53 -3.28
C ILE B 84 -17.33 -15.68 -4.18
N ALA B 85 -18.55 -15.38 -3.73
CA ALA B 85 -19.45 -14.58 -4.55
C ALA B 85 -18.89 -13.17 -4.79
N SER B 86 -18.23 -12.61 -3.77
CA SER B 86 -17.66 -11.27 -3.93
C SER B 86 -16.45 -11.30 -4.87
N GLY B 87 -15.56 -12.27 -4.69
CA GLY B 87 -14.44 -12.40 -5.61
C GLY B 87 -14.88 -12.69 -7.03
N VAL B 88 -15.89 -13.53 -7.19
CA VAL B 88 -16.46 -13.78 -8.52
C VAL B 88 -17.05 -12.49 -9.09
N ALA B 89 -17.72 -11.70 -8.25
CA ALA B 89 -18.26 -10.43 -8.72
C ALA B 89 -17.16 -9.51 -9.22
N VAL B 90 -16.00 -9.54 -8.57
CA VAL B 90 -14.90 -8.69 -9.02
C VAL B 90 -14.37 -9.16 -10.36
N CYS B 91 -14.31 -10.49 -10.58
CA CYS B 91 -13.80 -10.99 -11.85
CA CYS B 91 -13.80 -10.99 -11.85
C CYS B 91 -14.64 -10.50 -13.01
N LYS B 92 -15.98 -10.53 -12.86
CA LYS B 92 -16.85 -10.11 -13.94
C LYS B 92 -16.70 -8.62 -14.25
N VAL B 93 -16.37 -7.81 -13.25
CA VAL B 93 -16.10 -6.40 -13.49
C VAL B 93 -14.85 -6.22 -14.35
N LEU B 94 -13.88 -7.12 -14.20
CA LEU B 94 -12.68 -7.05 -15.03
C LEU B 94 -12.98 -7.28 -16.51
N HIS B 95 -14.17 -7.78 -16.84
CA HIS B 95 -14.57 -7.97 -18.23
C HIS B 95 -15.22 -6.75 -18.83
N LEU B 96 -15.41 -5.69 -18.05
CA LEU B 96 -15.90 -4.44 -18.61
C LEU B 96 -14.83 -3.82 -19.52
N GLU B 97 -15.31 -2.98 -20.44
CA GLU B 97 -14.47 -2.43 -21.49
C GLU B 97 -13.29 -1.63 -20.91
N GLY B 98 -12.09 -1.98 -21.34
CA GLY B 98 -10.91 -1.22 -21.00
C GLY B 98 -10.38 -1.41 -19.60
N GLU B 99 -11.00 -2.30 -18.81
CA GLU B 99 -10.50 -2.53 -17.45
C GLU B 99 -9.12 -3.16 -17.47
N VAL B 100 -8.90 -4.13 -18.37
CA VAL B 100 -7.59 -4.77 -18.46
C VAL B 100 -6.53 -3.77 -18.90
N ASN B 101 -6.83 -2.95 -19.91
CA ASN B 101 -5.90 -1.90 -20.31
C ASN B 101 -5.62 -0.93 -19.18
N LYS B 102 -6.65 -0.63 -18.37
CA LYS B 102 -6.47 0.26 -17.23
C LYS B 102 -5.48 -0.33 -16.23
N ILE B 103 -5.62 -1.62 -15.93
CA ILE B 103 -4.71 -2.28 -15.00
C ILE B 103 -3.33 -2.43 -15.63
N LYS B 104 -3.28 -2.73 -16.93
CA LYS B 104 -1.99 -2.87 -17.60
C LYS B 104 -1.20 -1.57 -17.55
N SER B 105 -1.86 -0.43 -17.79
CA SER B 105 -1.16 0.85 -17.76
C SER B 105 -0.67 1.18 -16.35
N ALA B 106 -1.49 0.88 -15.34
CA ALA B 106 -1.13 1.22 -13.97
C ALA B 106 0.05 0.40 -13.45
N LEU B 107 0.37 -0.74 -14.09
CA LEU B 107 1.45 -1.61 -13.66
C LEU B 107 2.64 -1.59 -14.61
N LEU B 108 2.68 -0.63 -15.53
CA LEU B 108 3.80 -0.56 -16.47
C LEU B 108 5.11 -0.27 -15.76
N SER B 109 5.10 0.66 -14.81
CA SER B 109 6.31 1.02 -14.07
C SER B 109 6.26 0.59 -12.61
N THR B 110 5.19 -0.08 -12.17
CA THR B 110 5.05 -0.54 -10.81
C THR B 110 4.65 -2.00 -10.78
N ASN B 111 4.88 -2.65 -9.64
CA ASN B 111 4.37 -3.99 -9.40
C ASN B 111 3.06 -4.00 -8.64
N LYS B 112 2.59 -2.83 -8.17
CA LYS B 112 1.38 -2.76 -7.37
C LYS B 112 0.76 -1.38 -7.55
N ALA B 113 -0.56 -1.34 -7.76
CA ALA B 113 -1.24 -0.08 -7.96
C ALA B 113 -2.68 -0.22 -7.52
N VAL B 114 -3.27 0.92 -7.16
CA VAL B 114 -4.71 1.01 -6.91
C VAL B 114 -5.36 1.54 -8.18
N VAL B 115 -6.36 0.82 -8.68
CA VAL B 115 -7.03 1.16 -9.92
C VAL B 115 -8.51 1.37 -9.62
N SER B 116 -9.04 2.52 -10.02
CA SER B 116 -10.46 2.79 -9.90
C SER B 116 -11.15 2.19 -11.11
N LEU B 117 -11.92 1.13 -10.90
CA LEU B 117 -12.62 0.46 -11.99
C LEU B 117 -13.74 1.35 -12.52
N SER B 118 -14.26 0.98 -13.70
CA SER B 118 -15.45 1.64 -14.22
C SER B 118 -16.68 1.35 -13.38
N ASN B 119 -16.60 0.37 -12.48
CA ASN B 119 -17.58 0.15 -11.44
C ASN B 119 -17.59 1.26 -10.40
N GLY B 120 -16.60 2.15 -10.42
CA GLY B 120 -16.44 3.12 -9.36
C GLY B 120 -15.79 2.58 -8.11
N VAL B 121 -15.36 1.32 -8.12
CA VAL B 121 -14.73 0.68 -6.96
C VAL B 121 -13.23 0.66 -7.19
N SER B 122 -12.48 1.03 -6.16
CA SER B 122 -11.02 0.99 -6.21
C SER B 122 -10.55 -0.36 -5.73
N VAL B 123 -9.71 -1.00 -6.54
CA VAL B 123 -9.21 -2.33 -6.26
C VAL B 123 -7.69 -2.30 -6.29
N LEU B 124 -7.08 -3.13 -5.45
CA LEU B 124 -5.63 -3.24 -5.38
C LEU B 124 -5.17 -4.28 -6.39
N THR B 125 -4.23 -3.92 -7.25
CA THR B 125 -3.75 -4.78 -8.32
C THR B 125 -2.27 -5.06 -8.15
N PHE B 126 -1.83 -6.22 -8.62
CA PHE B 126 -0.45 -6.67 -8.49
C PHE B 126 0.09 -7.17 -9.82
N LYS B 127 1.35 -6.88 -10.10
CA LYS B 127 2.08 -7.50 -11.19
C LYS B 127 3.15 -8.40 -10.58
N VAL B 128 2.90 -9.70 -10.57
CA VAL B 128 3.77 -10.63 -9.87
C VAL B 128 4.74 -11.35 -10.80
N LEU B 129 4.45 -11.43 -12.10
CA LEU B 129 5.30 -12.17 -13.02
C LEU B 129 5.21 -11.49 -14.38
N ASP B 130 6.34 -10.95 -14.85
CA ASP B 130 6.42 -10.28 -16.14
C ASP B 130 7.06 -11.22 -17.16
N LEU B 131 6.27 -12.20 -17.59
CA LEU B 131 6.72 -13.07 -18.68
C LEU B 131 6.67 -12.36 -20.02
N LYS B 132 5.87 -11.31 -20.14
CA LYS B 132 5.85 -10.50 -21.35
C LYS B 132 7.23 -9.91 -21.60
N ASN B 133 7.83 -9.31 -20.57
CA ASN B 133 9.12 -8.66 -20.74
C ASN B 133 10.27 -9.66 -20.83
N TYR B 134 10.20 -10.77 -20.10
CA TYR B 134 11.32 -11.71 -20.15
C TYR B 134 11.42 -12.38 -21.51
N ILE B 135 10.31 -12.89 -22.02
CA ILE B 135 10.36 -13.61 -23.29
C ILE B 135 10.65 -12.65 -24.44
N ASP B 136 9.95 -11.51 -24.48
CA ASP B 136 10.07 -10.62 -25.63
C ASP B 136 11.37 -9.83 -25.61
N LYS B 137 11.82 -9.40 -24.43
CA LYS B 137 12.98 -8.53 -24.35
C LYS B 137 14.28 -9.24 -23.97
N GLN B 138 14.20 -10.43 -23.38
CA GLN B 138 15.43 -11.09 -22.91
C GLN B 138 15.64 -12.47 -23.48
N LEU B 139 14.59 -13.29 -23.63
CA LEU B 139 14.78 -14.65 -24.12
C LEU B 139 14.87 -14.69 -25.63
N LEU B 140 13.84 -14.16 -26.31
CA LEU B 140 13.83 -14.18 -27.78
C LEU B 140 15.00 -13.44 -28.41
N PRO B 141 15.39 -12.23 -27.97
CA PRO B 141 16.54 -11.57 -28.62
C PRO B 141 17.82 -12.38 -28.59
N ILE B 142 18.09 -13.10 -27.50
CA ILE B 142 19.23 -14.00 -27.48
C ILE B 142 19.03 -15.14 -28.47
N LEU B 143 17.85 -15.75 -28.47
CA LEU B 143 17.57 -16.81 -29.43
C LEU B 143 17.57 -16.29 -30.87
N ASN B 144 17.10 -15.07 -31.08
CA ASN B 144 16.99 -14.51 -32.43
C ASN B 144 18.23 -13.75 -32.87
N LYS B 145 19.40 -14.12 -32.34
CA LYS B 145 20.67 -13.63 -32.86
C LYS B 145 21.26 -14.55 -33.93
N GLN B 146 20.67 -15.73 -34.15
CA GLN B 146 21.09 -16.69 -35.16
C GLN B 146 19.86 -17.50 -35.54
N SER B 147 20.08 -18.67 -36.16
CA SER B 147 19.01 -19.66 -36.26
C SER B 147 18.81 -20.29 -34.91
N CYS B 148 17.99 -19.64 -34.09
CA CYS B 148 17.85 -20.04 -32.70
C CYS B 148 19.25 -20.18 -32.12
N SER B 149 19.94 -19.04 -32.03
CA SER B 149 21.25 -18.95 -31.37
C SER B 149 21.29 -19.88 -30.18
N ILE B 150 22.37 -20.65 -30.07
CA ILE B 150 22.52 -21.58 -28.96
C ILE B 150 22.65 -20.78 -27.68
N PRO B 151 21.70 -20.87 -26.74
CA PRO B 151 21.79 -20.08 -25.51
C PRO B 151 22.65 -20.77 -24.46
N ASN B 152 23.15 -19.96 -23.53
CA ASN B 152 23.87 -20.51 -22.39
C ASN B 152 22.93 -21.37 -21.58
N ILE B 153 23.49 -22.43 -20.99
CA ILE B 153 22.69 -23.29 -20.12
C ILE B 153 22.11 -22.48 -18.96
N GLU B 154 22.80 -21.41 -18.55
CA GLU B 154 22.30 -20.55 -17.48
C GLU B 154 20.97 -19.92 -17.86
N THR B 155 20.83 -19.50 -19.12
CA THR B 155 19.56 -18.94 -19.58
C THR B 155 18.45 -19.99 -19.54
N VAL B 156 18.76 -21.22 -19.95
CA VAL B 156 17.75 -22.27 -19.90
C VAL B 156 17.27 -22.48 -18.46
N ILE B 157 18.19 -22.44 -17.49
CA ILE B 157 17.79 -22.49 -16.09
C ILE B 157 16.90 -21.29 -15.75
N GLU B 158 17.29 -20.10 -16.21
CA GLU B 158 16.57 -18.88 -15.84
C GLU B 158 15.15 -18.87 -16.37
N PHE B 159 14.97 -19.25 -17.65
CA PHE B 159 13.63 -19.30 -18.21
C PHE B 159 12.81 -20.42 -17.59
N GLN B 160 13.46 -21.55 -17.29
CA GLN B 160 12.75 -22.67 -16.69
C GLN B 160 12.17 -22.30 -15.33
N GLN B 161 12.94 -21.56 -14.52
CA GLN B 161 12.46 -21.21 -13.20
C GLN B 161 11.38 -20.14 -13.25
N LYS B 162 11.49 -19.19 -14.19
CA LYS B 162 10.45 -18.16 -14.33
C LYS B 162 9.12 -18.77 -14.76
N ASN B 163 9.14 -19.69 -15.72
CA ASN B 163 7.91 -20.31 -16.20
C ASN B 163 7.30 -21.24 -15.15
N ASN B 164 8.08 -21.66 -14.15
CA ASN B 164 7.60 -22.63 -13.19
C ASN B 164 6.38 -22.11 -12.43
N ARG B 165 6.41 -20.83 -12.03
CA ARG B 165 5.30 -20.30 -11.25
C ARG B 165 4.01 -20.33 -12.04
N LEU B 166 4.06 -19.99 -13.33
CA LEU B 166 2.87 -20.05 -14.16
C LEU B 166 2.35 -21.48 -14.30
N LEU B 167 3.26 -22.44 -14.49
CA LEU B 167 2.84 -23.83 -14.64
C LEU B 167 2.22 -24.37 -13.36
N GLU B 168 2.78 -24.01 -12.21
CA GLU B 168 2.21 -24.47 -10.94
C GLU B 168 0.89 -23.78 -10.66
N ILE B 169 0.79 -22.49 -10.98
CA ILE B 169 -0.50 -21.80 -10.84
C ILE B 169 -1.54 -22.43 -11.74
N THR B 170 -1.15 -22.75 -12.99
CA THR B 170 -2.06 -23.43 -13.91
C THR B 170 -2.47 -24.80 -13.38
N ARG B 171 -1.52 -25.55 -12.83
CA ARG B 171 -1.84 -26.87 -12.30
C ARG B 171 -2.84 -26.79 -11.16
N GLU B 172 -2.65 -25.83 -10.26
CA GLU B 172 -3.57 -25.69 -9.13
C GLU B 172 -4.97 -25.34 -9.59
N PHE B 173 -5.09 -24.39 -10.53
CA PHE B 173 -6.40 -24.00 -11.03
C PHE B 173 -7.07 -25.12 -11.82
N SER B 174 -6.27 -25.94 -12.51
CA SER B 174 -6.83 -27.01 -13.33
C SER B 174 -7.42 -28.12 -12.49
N VAL B 175 -6.76 -28.48 -11.38
CA VAL B 175 -7.21 -29.59 -10.56
C VAL B 175 -8.18 -29.11 -9.49
N ASN B 176 -8.64 -27.85 -9.61
CA ASN B 176 -9.58 -27.31 -8.63
C ASN B 176 -10.65 -26.43 -9.27
N ALA B 177 -10.89 -26.58 -10.56
CA ALA B 177 -11.93 -25.85 -11.28
C ALA B 177 -11.76 -24.34 -11.15
N GLY B 178 -10.51 -23.88 -11.22
CA GLY B 178 -10.23 -22.46 -11.24
C GLY B 178 -10.41 -21.74 -9.93
N VAL B 179 -10.66 -22.46 -8.84
CA VAL B 179 -10.77 -21.88 -7.51
C VAL B 179 -9.97 -22.76 -6.56
N THR B 180 -8.98 -22.18 -5.89
CA THR B 180 -8.13 -22.92 -4.97
C THR B 180 -8.17 -22.28 -3.59
N THR B 181 -8.01 -23.13 -2.58
CA THR B 181 -7.81 -22.71 -1.20
C THR B 181 -7.21 -23.89 -0.46
N PRO B 182 -6.22 -23.68 0.42
CA PRO B 182 -5.59 -22.40 0.81
C PRO B 182 -4.84 -21.73 -0.34
N VAL B 183 -4.56 -20.43 -0.22
CA VAL B 183 -3.82 -19.71 -1.24
C VAL B 183 -2.33 -20.05 -1.09
N SER B 184 -1.78 -20.74 -2.09
CA SER B 184 -0.40 -21.19 -2.01
C SER B 184 0.57 -20.02 -2.18
N THR B 185 1.84 -20.31 -1.95
CA THR B 185 2.88 -19.31 -2.17
C THR B 185 3.09 -19.02 -3.66
N TYR B 186 2.63 -19.92 -4.53
CA TYR B 186 2.67 -19.63 -5.96
C TYR B 186 1.59 -18.63 -6.34
N MET B 187 0.39 -18.77 -5.78
CA MET B 187 -0.64 -17.77 -6.03
C MET B 187 -0.23 -16.43 -5.43
N LEU B 188 0.34 -16.44 -4.24
CA LEU B 188 0.71 -15.22 -3.55
C LEU B 188 1.86 -15.56 -2.61
N THR B 189 3.04 -15.02 -2.92
CA THR B 189 4.19 -15.25 -2.06
C THR B 189 4.01 -14.54 -0.71
N ASN B 190 4.87 -14.90 0.24
CA ASN B 190 4.80 -14.26 1.55
CA ASN B 190 4.80 -14.26 1.55
C ASN B 190 5.05 -12.76 1.43
N SER B 191 6.01 -12.36 0.60
CA SER B 191 6.28 -10.94 0.39
C SER B 191 5.07 -10.23 -0.21
N GLU B 192 4.43 -10.84 -1.21
CA GLU B 192 3.25 -10.23 -1.83
C GLU B 192 2.07 -10.26 -0.88
N LEU B 193 1.90 -11.35 -0.12
CA LEU B 193 0.81 -11.40 0.84
C LEU B 193 0.97 -10.35 1.92
N LEU B 194 2.21 -10.15 2.40
CA LEU B 194 2.45 -9.11 3.40
C LEU B 194 2.20 -7.72 2.83
N SER B 195 2.60 -7.47 1.59
CA SER B 195 2.36 -6.17 0.98
C SER B 195 0.88 -5.92 0.78
N LEU B 196 0.11 -6.97 0.44
CA LEU B 196 -1.34 -6.84 0.38
C LEU B 196 -1.93 -6.51 1.74
N ILE B 197 -1.51 -7.25 2.77
CA ILE B 197 -2.06 -7.07 4.11
C ILE B 197 -1.84 -5.65 4.58
N ASN B 198 -0.66 -5.10 4.29
CA ASN B 198 -0.32 -3.76 4.71
C ASN B 198 -1.08 -2.68 3.94
N ASP B 199 -1.75 -3.04 2.84
CA ASP B 199 -2.52 -2.10 2.05
C ASP B 199 -4.02 -2.26 2.22
N MET B 200 -4.45 -3.11 3.17
CA MET B 200 -5.85 -3.37 3.43
C MET B 200 -6.45 -2.23 4.26
N PRO B 201 -7.78 -2.00 4.14
CA PRO B 201 -8.43 -0.97 4.98
C PRO B 201 -8.78 -1.49 6.37
N ILE B 202 -7.74 -1.81 7.13
CA ILE B 202 -7.87 -2.31 8.49
C ILE B 202 -6.92 -1.53 9.38
N THR B 203 -7.11 -1.66 10.69
CA THR B 203 -6.26 -0.94 11.63
C THR B 203 -4.88 -1.60 11.70
N ASN B 204 -3.95 -0.88 12.33
CA ASN B 204 -2.57 -1.34 12.41
C ASN B 204 -2.48 -2.64 13.20
N ASP B 205 -3.30 -2.80 14.23
CA ASP B 205 -3.28 -4.03 15.01
C ASP B 205 -3.82 -5.21 14.21
N GLN B 206 -4.85 -4.98 13.38
CA GLN B 206 -5.33 -6.05 12.51
C GLN B 206 -4.27 -6.47 11.52
N LYS B 207 -3.48 -5.52 11.03
CA LYS B 207 -2.41 -5.83 10.05
C LYS B 207 -1.32 -6.61 10.77
N LYS B 208 -1.04 -6.30 12.04
CA LYS B 208 -0.14 -7.13 12.83
C LYS B 208 -0.73 -8.52 13.05
N LEU B 209 -2.04 -8.58 13.31
CA LEU B 209 -2.68 -9.87 13.53
C LEU B 209 -2.50 -10.79 12.34
N MET B 210 -2.82 -10.31 11.14
CA MET B 210 -2.72 -11.15 9.95
C MET B 210 -1.27 -11.44 9.59
N SER B 211 -0.37 -10.48 9.82
CA SER B 211 1.04 -10.68 9.48
C SER B 211 1.70 -11.74 10.36
N ASN B 212 1.16 -11.98 11.56
CA ASN B 212 1.67 -13.02 12.44
C ASN B 212 0.97 -14.35 12.26
N ASN B 213 -0.03 -14.41 11.37
CA ASN B 213 -0.78 -15.64 11.13
C ASN B 213 -1.05 -15.81 9.64
N VAL B 214 0.00 -15.61 8.82
CA VAL B 214 -0.18 -15.67 7.37
C VAL B 214 -0.66 -17.05 6.94
N GLN B 215 -0.22 -18.10 7.62
CA GLN B 215 -0.67 -19.45 7.30
C GLN B 215 -2.17 -19.60 7.53
N ILE B 216 -2.68 -19.02 8.62
CA ILE B 216 -4.13 -19.04 8.84
C ILE B 216 -4.83 -18.17 7.80
N VAL B 217 -4.22 -17.03 7.47
CA VAL B 217 -4.79 -16.15 6.45
C VAL B 217 -4.89 -16.87 5.11
N ARG B 218 -3.84 -17.61 4.74
CA ARG B 218 -3.87 -18.38 3.51
C ARG B 218 -4.97 -19.45 3.56
N GLN B 219 -5.13 -20.10 4.72
CA GLN B 219 -6.12 -21.16 4.83
C GLN B 219 -7.54 -20.62 4.74
N GLN B 220 -7.75 -19.35 5.10
CA GLN B 220 -9.08 -18.75 5.07
C GLN B 220 -9.31 -17.87 3.85
N SER B 221 -8.45 -17.98 2.84
CA SER B 221 -8.53 -17.14 1.64
C SER B 221 -8.70 -18.01 0.40
N TYR B 222 -9.27 -17.41 -0.64
CA TYR B 222 -9.52 -18.08 -1.90
C TYR B 222 -8.80 -17.36 -3.02
N SER B 223 -8.36 -18.12 -4.02
CA SER B 223 -7.76 -17.58 -5.24
C SER B 223 -8.56 -18.06 -6.43
N ILE B 224 -9.13 -17.11 -7.19
CA ILE B 224 -10.10 -17.39 -8.24
C ILE B 224 -9.51 -16.96 -9.57
N MET B 225 -9.38 -17.90 -10.50
CA MET B 225 -9.00 -17.55 -11.86
C MET B 225 -10.09 -16.69 -12.51
N CYS B 226 -9.68 -15.59 -13.14
CA CYS B 226 -10.66 -14.64 -13.68
CA CYS B 226 -10.62 -14.62 -13.68
C CYS B 226 -10.61 -14.56 -15.20
N ILE B 227 -9.47 -14.22 -15.80
CA ILE B 227 -9.45 -13.86 -17.22
C ILE B 227 -8.05 -13.90 -17.81
N ILE B 228 -7.98 -14.18 -19.11
CA ILE B 228 -6.77 -13.97 -19.91
C ILE B 228 -7.17 -13.14 -21.11
N LYS B 229 -6.63 -11.92 -21.21
CA LYS B 229 -7.08 -11.00 -22.24
C LYS B 229 -6.02 -9.93 -22.45
N GLU B 230 -5.70 -9.66 -23.72
CA GLU B 230 -4.78 -8.60 -24.11
C GLU B 230 -3.45 -8.71 -23.36
N GLU B 231 -2.83 -9.89 -23.44
CA GLU B 231 -1.52 -10.18 -22.88
C GLU B 231 -1.49 -10.11 -21.35
N VAL B 232 -2.64 -10.24 -20.68
CA VAL B 232 -2.72 -10.15 -19.24
C VAL B 232 -3.45 -11.38 -18.71
N LEU B 233 -2.80 -12.11 -17.80
CA LEU B 233 -3.41 -13.20 -17.06
C LEU B 233 -3.73 -12.67 -15.67
N ALA B 234 -5.00 -12.73 -15.28
CA ALA B 234 -5.43 -12.17 -14.01
C ALA B 234 -6.25 -13.17 -13.23
N TYR B 235 -5.97 -13.27 -11.93
CA TYR B 235 -6.80 -13.99 -10.99
C TYR B 235 -7.00 -13.11 -9.76
N VAL B 236 -8.12 -13.31 -9.08
CA VAL B 236 -8.49 -12.53 -7.91
C VAL B 236 -8.27 -13.37 -6.67
N VAL B 237 -7.58 -12.77 -5.71
CA VAL B 237 -7.39 -13.43 -4.41
C VAL B 237 -8.34 -12.76 -3.43
N GLN B 238 -9.07 -13.55 -2.65
CA GLN B 238 -10.08 -13.04 -1.73
C GLN B 238 -9.66 -13.36 -0.30
N LEU B 239 -9.53 -12.32 0.52
CA LEU B 239 -9.05 -12.43 1.89
C LEU B 239 -10.12 -12.04 2.89
N PRO B 240 -10.02 -12.53 4.13
CA PRO B 240 -11.02 -12.18 5.14
C PRO B 240 -10.73 -10.85 5.81
N LEU B 241 -11.80 -10.14 6.14
CA LEU B 241 -11.74 -8.92 6.94
C LEU B 241 -12.24 -9.24 8.35
N TYR B 242 -11.39 -9.02 9.34
CA TYR B 242 -11.69 -9.37 10.73
C TYR B 242 -12.19 -8.15 11.49
N GLY B 243 -13.17 -8.38 12.36
CA GLY B 243 -13.72 -7.31 13.17
C GLY B 243 -13.78 -7.65 14.65
N SER B 263 -13.18 -29.91 4.52
CA SER B 263 -12.51 -28.74 3.90
C SER B 263 -12.95 -28.57 2.43
N ALA B 264 -13.91 -27.69 2.17
CA ALA B 264 -14.42 -27.55 0.79
C ALA B 264 -14.84 -26.11 0.50
N LEU B 265 -15.55 -25.92 -0.61
CA LEU B 265 -16.05 -24.56 -0.87
C LEU B 265 -17.50 -24.46 -0.45
N ARG B 266 -17.78 -23.49 0.35
CA ARG B 266 -19.15 -23.19 0.77
C ARG B 266 -19.89 -22.56 -0.40
N THR B 267 -20.83 -23.31 -0.99
CA THR B 267 -21.58 -22.86 -2.14
C THR B 267 -22.91 -22.19 -1.80
N GLY B 268 -23.35 -22.27 -0.55
CA GLY B 268 -24.62 -21.70 -0.15
C GLY B 268 -24.82 -21.83 1.33
N TRP B 269 -26.02 -21.42 1.77
CA TRP B 269 -26.40 -21.43 3.17
C TRP B 269 -27.68 -22.22 3.36
N TYR B 270 -27.82 -22.83 4.54
CA TYR B 270 -29.03 -23.52 4.93
C TYR B 270 -29.51 -22.94 6.25
N THR B 271 -30.77 -22.50 6.28
CA THR B 271 -31.33 -21.82 7.44
C THR B 271 -32.44 -22.67 8.06
N SER B 272 -32.39 -22.79 9.39
CA SER B 272 -33.40 -23.51 10.16
C SER B 272 -33.89 -22.62 11.29
N VAL B 273 -35.13 -22.87 11.72
CA VAL B 273 -35.77 -22.10 12.78
C VAL B 273 -35.75 -22.93 14.07
N ILE B 274 -35.14 -22.39 15.11
CA ILE B 274 -35.06 -23.05 16.41
C ILE B 274 -35.94 -22.29 17.38
N THR B 275 -36.84 -23.02 18.06
CA THR B 275 -37.84 -22.40 18.92
C THR B 275 -37.75 -22.92 20.34
N ILE B 276 -37.96 -22.00 21.29
CA ILE B 276 -38.12 -22.32 22.71
C ILE B 276 -39.51 -21.88 23.12
N GLU B 277 -40.26 -22.79 23.75
CA GLU B 277 -41.64 -22.51 24.14
C GLU B 277 -41.64 -21.76 25.46
N LEU B 278 -42.20 -20.56 25.46
CA LEU B 278 -42.19 -19.66 26.60
C LEU B 278 -43.52 -19.70 27.35
N SER B 279 -43.45 -19.46 28.65
CA SER B 279 -44.63 -19.37 29.50
C SER B 279 -44.86 -17.90 29.85
N ASN B 280 -46.00 -17.37 29.43
CA ASN B 280 -46.38 -16.00 29.75
C ASN B 280 -46.99 -15.99 31.14
N ILE B 281 -46.24 -15.49 32.11
CA ILE B 281 -46.70 -15.42 33.49
C ILE B 281 -46.20 -14.11 34.11
N LYS B 282 -47.11 -13.39 34.75
CA LYS B 282 -46.73 -12.20 35.51
C LYS B 282 -46.43 -12.60 36.94
N GLU B 283 -45.66 -11.75 37.63
CA GLU B 283 -45.12 -12.10 38.94
C GLU B 283 -46.25 -12.44 39.91
N ASN B 284 -46.08 -13.53 40.64
CA ASN B 284 -47.04 -14.01 41.64
C ASN B 284 -46.33 -13.96 42.98
N LYS B 285 -46.41 -12.80 43.64
CA LYS B 285 -45.77 -12.60 44.94
C LYS B 285 -46.69 -13.14 46.02
N CYS B 286 -46.49 -14.41 46.37
CA CYS B 286 -47.22 -15.02 47.46
C CYS B 286 -46.32 -15.09 48.70
N ASN B 287 -46.79 -15.74 49.75
CA ASN B 287 -46.05 -15.83 51.01
C ASN B 287 -44.88 -16.79 50.84
N GLY B 288 -43.71 -16.24 50.55
CA GLY B 288 -42.50 -17.04 50.46
C GLY B 288 -41.63 -16.91 51.70
N THR B 289 -41.68 -17.91 52.57
CA THR B 289 -40.94 -17.87 53.83
C THR B 289 -39.62 -18.62 53.75
N ASP B 290 -39.67 -19.91 53.41
CA ASP B 290 -38.44 -20.70 53.45
C ASP B 290 -37.60 -20.45 52.20
N ALA B 291 -36.40 -21.03 52.20
CA ALA B 291 -35.46 -20.81 51.11
C ALA B 291 -35.84 -21.59 49.84
N LYS B 292 -36.58 -22.69 49.97
CA LYS B 292 -36.95 -23.46 48.79
C LYS B 292 -37.95 -22.71 47.92
N VAL B 293 -38.91 -22.02 48.55
CA VAL B 293 -39.80 -21.15 47.80
C VAL B 293 -39.03 -19.97 47.23
N LYS B 294 -38.12 -19.41 48.02
CA LYS B 294 -37.37 -18.23 47.57
C LYS B 294 -36.52 -18.57 46.35
N LEU B 295 -35.92 -19.76 46.34
CA LEU B 295 -35.09 -20.17 45.21
C LEU B 295 -35.90 -20.26 43.92
N ILE B 296 -37.11 -20.80 43.99
CA ILE B 296 -37.97 -20.89 42.81
C ILE B 296 -38.33 -19.50 42.30
N LYS B 297 -38.64 -18.57 43.21
CA LYS B 297 -38.97 -17.21 42.79
C LYS B 297 -37.75 -16.50 42.19
N GLN B 298 -36.56 -16.77 42.72
CA GLN B 298 -35.35 -16.24 42.10
C GLN B 298 -35.16 -16.80 40.70
N GLU B 299 -35.41 -18.10 40.52
CA GLU B 299 -35.30 -18.69 39.20
C GLU B 299 -36.37 -18.13 38.25
N LEU B 300 -37.58 -17.95 38.76
CA LEU B 300 -38.64 -17.34 37.95
C LEU B 300 -38.27 -15.93 37.53
N ASP B 301 -37.65 -15.17 38.42
CA ASP B 301 -37.18 -13.84 38.06
C ASP B 301 -36.05 -13.91 37.03
N LYS B 302 -35.19 -14.93 37.13
CA LYS B 302 -34.19 -15.14 36.08
C LYS B 302 -34.86 -15.38 34.74
N TYR B 303 -35.94 -16.17 34.74
CA TYR B 303 -36.66 -16.48 33.51
C TYR B 303 -37.25 -15.22 32.88
N LYS B 304 -37.96 -14.43 33.69
CA LYS B 304 -38.60 -13.22 33.17
C LYS B 304 -37.56 -12.22 32.68
N ASN B 305 -36.44 -12.09 33.39
CA ASN B 305 -35.41 -11.13 32.99
C ASN B 305 -34.83 -11.49 31.63
N ALA B 306 -34.60 -12.78 31.38
CA ALA B 306 -34.03 -13.20 30.11
C ALA B 306 -34.92 -12.85 28.94
N VAL B 307 -36.23 -13.06 29.09
CA VAL B 307 -37.17 -12.72 28.02
C VAL B 307 -37.14 -11.22 27.75
N THR B 308 -37.19 -10.41 28.80
CA THR B 308 -37.18 -8.97 28.63
C THR B 308 -35.84 -8.48 28.09
N ASP B 309 -34.73 -9.13 28.52
CA ASP B 309 -33.43 -8.79 27.99
C ASP B 309 -33.34 -9.10 26.50
N LEU B 310 -33.86 -10.27 26.09
CA LEU B 310 -33.89 -10.61 24.68
C LEU B 310 -34.83 -9.69 23.91
N GLN B 311 -35.97 -9.34 24.50
CA GLN B 311 -36.86 -8.36 23.86
C GLN B 311 -36.14 -7.04 23.64
N LEU B 312 -35.48 -6.53 24.69
CA LEU B 312 -34.75 -5.28 24.55
C LEU B 312 -33.62 -5.41 23.54
N LEU B 313 -32.96 -6.57 23.51
CA LEU B 313 -31.85 -6.78 22.60
C LEU B 313 -32.30 -6.65 21.14
N MET B 314 -33.46 -7.22 20.81
CA MET B 314 -33.91 -7.19 19.42
C MET B 314 -34.37 -5.80 19.00
N GLN B 315 -34.90 -5.01 19.92
CA GLN B 315 -35.30 -3.64 19.61
C GLN B 315 -34.11 -2.70 19.41
N SER B 316 -32.88 -3.20 19.49
CA SER B 316 -31.70 -2.38 19.34
C SER B 316 -30.73 -2.90 18.30
N THR B 317 -31.06 -3.96 17.57
CA THR B 317 -30.14 -4.54 16.61
C THR B 317 -29.91 -3.57 15.45
N PRO B 318 -28.67 -3.36 15.02
CA PRO B 318 -28.43 -2.61 13.78
C PRO B 318 -28.81 -3.43 12.55
N ALA B 319 -28.68 -2.84 11.37
CA ALA B 319 -29.04 -3.51 10.13
C ALA B 319 -27.83 -4.18 9.49
N THR B 320 -28.10 -5.18 8.67
CA THR B 320 -27.09 -5.88 7.89
C THR B 320 -27.29 -5.59 6.41
N GLY B 321 -26.21 -5.75 5.65
CA GLY B 321 -26.26 -5.54 4.22
C GLY B 321 -26.43 -6.84 3.46
N SER B 322 -26.73 -6.71 2.16
CA SER B 322 -26.85 -7.88 1.30
C SER B 322 -25.54 -8.65 1.20
N GLY B 323 -24.42 -7.99 1.48
CA GLY B 323 -23.11 -8.62 1.55
C GLY B 323 -22.75 -9.18 2.89
N SER B 324 -23.63 -9.06 3.89
CA SER B 324 -23.37 -9.66 5.19
C SER B 324 -23.50 -11.18 5.10
N ALA B 325 -22.65 -11.88 5.86
CA ALA B 325 -22.66 -13.33 5.83
C ALA B 325 -23.97 -13.91 6.37
N ILE B 326 -24.74 -13.14 7.12
CA ILE B 326 -25.96 -13.63 7.75
C ILE B 326 -27.18 -13.02 7.07
N ALA B 327 -27.02 -12.63 5.81
CA ALA B 327 -28.17 -12.09 5.09
C ALA B 327 -29.27 -13.14 4.92
N SER B 328 -28.88 -14.38 4.65
CA SER B 328 -29.86 -15.45 4.50
C SER B 328 -30.70 -15.63 5.76
N GLY B 329 -30.04 -15.73 6.91
CA GLY B 329 -30.77 -15.89 8.16
C GLY B 329 -31.63 -14.68 8.48
N VAL B 330 -31.09 -13.47 8.28
CA VAL B 330 -31.83 -12.25 8.58
C VAL B 330 -33.08 -12.18 7.70
N ALA B 331 -32.96 -12.55 6.44
CA ALA B 331 -34.13 -12.59 5.56
C ALA B 331 -35.18 -13.57 6.07
N VAL B 332 -34.75 -14.74 6.55
CA VAL B 332 -35.68 -15.69 7.12
C VAL B 332 -36.33 -15.12 8.37
N CYS B 333 -35.55 -14.45 9.23
CA CYS B 333 -36.10 -13.86 10.45
CA CYS B 333 -36.11 -13.87 10.43
C CYS B 333 -37.26 -12.92 10.10
N LYS B 334 -37.04 -12.03 9.13
CA LYS B 334 -38.06 -11.07 8.76
C LYS B 334 -39.30 -11.77 8.22
N VAL B 335 -39.13 -12.90 7.53
CA VAL B 335 -40.26 -13.68 7.07
C VAL B 335 -41.07 -14.21 8.25
N LEU B 336 -40.39 -14.55 9.35
CA LEU B 336 -41.10 -15.02 10.53
C LEU B 336 -41.99 -13.94 11.14
N HIS B 337 -41.75 -12.67 10.79
CA HIS B 337 -42.57 -11.57 11.28
C HIS B 337 -43.83 -11.37 10.43
N LEU B 338 -44.02 -12.15 9.37
CA LEU B 338 -45.24 -12.08 8.59
C LEU B 338 -46.41 -12.64 9.39
N GLU B 339 -47.63 -12.38 8.92
CA GLU B 339 -48.86 -12.76 9.65
C GLU B 339 -49.00 -14.24 9.88
N GLY B 340 -49.18 -14.60 11.13
CA GLY B 340 -49.49 -15.97 11.49
C GLY B 340 -48.39 -16.97 11.29
N GLU B 341 -47.16 -16.53 11.02
CA GLU B 341 -46.05 -17.47 10.83
C GLU B 341 -45.63 -18.11 12.14
N VAL B 342 -45.59 -17.34 13.23
CA VAL B 342 -45.27 -17.92 14.52
C VAL B 342 -46.34 -18.92 14.93
N ASN B 343 -47.61 -18.58 14.73
CA ASN B 343 -48.69 -19.52 15.03
C ASN B 343 -48.59 -20.77 14.19
N LYS B 344 -48.23 -20.63 12.91
CA LYS B 344 -48.05 -21.79 12.05
C LYS B 344 -46.98 -22.72 12.60
N ILE B 345 -45.87 -22.14 13.06
CA ILE B 345 -44.78 -22.93 13.63
C ILE B 345 -45.19 -23.52 14.97
N LYS B 346 -45.94 -22.75 15.78
CA LYS B 346 -46.36 -23.23 17.09
C LYS B 346 -47.26 -24.46 16.96
N SER B 347 -48.23 -24.41 16.04
CA SER B 347 -49.13 -25.55 15.84
C SER B 347 -48.35 -26.76 15.35
N ALA B 348 -47.41 -26.56 14.42
CA ALA B 348 -46.65 -27.67 13.88
C ALA B 348 -45.78 -28.35 14.94
N LEU B 349 -45.37 -27.62 15.97
CA LEU B 349 -44.52 -28.14 17.02
C LEU B 349 -45.29 -28.51 18.28
N LEU B 350 -46.62 -28.60 18.17
CA LEU B 350 -47.43 -28.91 19.35
C LEU B 350 -47.12 -30.31 19.88
N SER B 351 -47.15 -31.32 19.00
CA SER B 351 -46.94 -32.70 19.40
C SER B 351 -45.59 -33.24 18.93
N THR B 352 -44.74 -32.41 18.37
CA THR B 352 -43.41 -32.92 17.99
C THR B 352 -42.37 -31.86 18.28
N ASN B 353 -41.12 -32.28 18.31
CA ASN B 353 -39.98 -31.41 18.54
C ASN B 353 -39.38 -30.85 17.26
N LYS B 354 -39.80 -31.33 16.09
CA LYS B 354 -39.21 -30.90 14.83
C LYS B 354 -40.21 -31.12 13.69
N ALA B 355 -40.35 -30.12 12.82
CA ALA B 355 -41.31 -30.20 11.74
C ALA B 355 -40.86 -29.33 10.57
N VAL B 356 -41.35 -29.69 9.38
CA VAL B 356 -41.19 -28.86 8.19
C VAL B 356 -42.43 -27.98 8.06
N VAL B 357 -42.21 -26.68 7.95
CA VAL B 357 -43.29 -25.70 7.85
C VAL B 357 -43.12 -24.92 6.55
N SER B 358 -44.20 -24.80 5.80
CA SER B 358 -44.22 -23.99 4.59
C SER B 358 -44.67 -22.59 4.95
N LEU B 359 -43.80 -21.60 4.74
CA LEU B 359 -44.13 -20.24 5.11
C LEU B 359 -44.95 -19.57 4.02
N SER B 360 -45.63 -18.47 4.40
CA SER B 360 -46.35 -17.67 3.41
C SER B 360 -45.38 -17.06 2.40
N ASN B 361 -44.08 -17.07 2.71
CA ASN B 361 -43.05 -16.79 1.72
C ASN B 361 -43.09 -17.76 0.56
N GLY B 362 -43.67 -18.94 0.75
CA GLY B 362 -43.61 -20.00 -0.22
C GLY B 362 -42.48 -20.98 -0.01
N VAL B 363 -41.51 -20.63 0.82
CA VAL B 363 -40.36 -21.49 1.11
C VAL B 363 -40.71 -22.37 2.30
N SER B 364 -40.30 -23.64 2.23
CA SER B 364 -40.43 -24.56 3.35
C SER B 364 -39.16 -24.50 4.19
N VAL B 365 -39.34 -24.37 5.51
CA VAL B 365 -38.23 -24.24 6.44
C VAL B 365 -38.38 -25.29 7.53
N LEU B 366 -37.26 -25.91 7.92
CA LEU B 366 -37.25 -26.87 9.01
C LEU B 366 -37.25 -26.12 10.34
N THR B 367 -38.20 -26.47 11.21
CA THR B 367 -38.33 -25.82 12.50
C THR B 367 -38.10 -26.83 13.61
N PHE B 368 -37.46 -26.38 14.69
CA PHE B 368 -37.18 -27.21 15.85
C PHE B 368 -37.81 -26.61 17.10
N LYS B 369 -38.18 -27.49 18.03
CA LYS B 369 -38.55 -27.08 19.39
C LYS B 369 -37.56 -27.74 20.35
N VAL B 370 -36.59 -26.96 20.83
CA VAL B 370 -35.52 -27.53 21.64
C VAL B 370 -35.80 -27.46 23.14
N LEU B 371 -36.69 -26.57 23.57
CA LEU B 371 -36.97 -26.40 25.00
C LEU B 371 -38.41 -25.96 25.17
N ASP B 372 -39.14 -26.65 26.03
CA ASP B 372 -40.55 -26.38 26.28
C ASP B 372 -40.69 -25.90 27.72
N LEU B 373 -40.45 -24.60 27.93
CA LEU B 373 -40.67 -24.00 29.24
C LEU B 373 -42.13 -23.62 29.45
N LYS B 374 -42.91 -23.48 28.38
CA LYS B 374 -44.34 -23.24 28.53
C LYS B 374 -44.99 -24.43 29.23
N ASN B 375 -44.68 -25.64 28.78
CA ASN B 375 -45.29 -26.83 29.37
C ASN B 375 -44.75 -27.09 30.77
N TYR B 376 -43.45 -26.90 30.98
CA TYR B 376 -42.88 -27.19 32.30
C TYR B 376 -43.40 -26.23 33.35
N ILE B 377 -43.33 -24.92 33.09
CA ILE B 377 -43.71 -23.94 34.09
C ILE B 377 -45.22 -24.02 34.36
N ASP B 378 -46.03 -24.04 33.31
CA ASP B 378 -47.48 -23.93 33.48
C ASP B 378 -48.09 -25.23 33.97
N LYS B 379 -47.58 -26.38 33.53
CA LYS B 379 -48.20 -27.66 33.84
C LYS B 379 -47.47 -28.49 34.88
N GLN B 380 -46.20 -28.21 35.14
CA GLN B 380 -45.41 -29.03 36.06
C GLN B 380 -44.90 -28.29 37.28
N LEU B 381 -44.63 -26.99 37.18
CA LEU B 381 -44.06 -26.23 38.28
C LEU B 381 -45.11 -25.39 39.00
N LEU B 382 -45.81 -24.54 38.25
CA LEU B 382 -46.85 -23.69 38.87
C LEU B 382 -47.92 -24.49 39.58
N PRO B 383 -48.46 -25.60 39.05
CA PRO B 383 -49.46 -26.35 39.83
C PRO B 383 -48.97 -26.83 41.17
N ILE B 384 -47.72 -27.25 41.27
CA ILE B 384 -47.17 -27.69 42.55
C ILE B 384 -47.10 -26.53 43.53
N LEU B 385 -46.50 -25.42 43.10
CA LEU B 385 -46.33 -24.27 43.99
C LEU B 385 -47.67 -23.58 44.25
N ASN B 386 -48.33 -23.11 43.21
CA ASN B 386 -49.46 -22.21 43.37
C ASN B 386 -50.73 -22.96 43.73
N LYS B 387 -51.69 -22.17 44.25
CA LYS B 387 -53.07 -22.54 44.57
C LYS B 387 -53.55 -21.49 45.58
N GLN B 388 -52.60 -20.76 46.15
CA GLN B 388 -52.84 -19.52 46.90
C GLN B 388 -51.49 -18.95 47.32
N SER B 389 -51.13 -19.12 48.60
CA SER B 389 -49.78 -18.82 49.04
C SER B 389 -48.85 -19.98 48.68
N CYS B 390 -47.63 -19.65 48.28
CA CYS B 390 -46.74 -20.63 47.67
C CYS B 390 -46.53 -21.83 48.56
N SER B 391 -46.93 -23.00 48.06
CA SER B 391 -46.60 -24.25 48.71
C SER B 391 -45.10 -24.51 48.62
N ILE B 392 -44.55 -25.10 49.68
CA ILE B 392 -43.12 -25.38 49.76
C ILE B 392 -42.78 -26.44 48.71
N PRO B 393 -41.86 -26.15 47.80
CA PRO B 393 -41.48 -27.14 46.78
C PRO B 393 -40.44 -28.11 47.28
N ASN B 394 -40.33 -29.24 46.58
CA ASN B 394 -39.31 -30.21 46.91
C ASN B 394 -37.95 -29.64 46.49
N ILE B 395 -36.90 -30.04 47.19
CA ILE B 395 -35.58 -29.54 46.84
C ILE B 395 -35.15 -30.05 45.47
N GLU B 396 -35.48 -31.31 45.14
CA GLU B 396 -35.24 -31.80 43.78
C GLU B 396 -36.01 -31.00 42.75
N THR B 397 -37.17 -30.45 43.13
CA THR B 397 -37.92 -29.62 42.19
C THR B 397 -37.15 -28.34 41.87
N VAL B 398 -36.53 -27.73 42.87
CA VAL B 398 -35.71 -26.54 42.63
C VAL B 398 -34.56 -26.88 41.70
N ILE B 399 -33.94 -28.05 41.89
CA ILE B 399 -32.86 -28.48 41.01
C ILE B 399 -33.34 -28.53 39.57
N GLU B 400 -34.46 -29.22 39.33
CA GLU B 400 -34.91 -29.48 37.97
C GLU B 400 -35.23 -28.19 37.22
N PHE B 401 -35.92 -27.26 37.89
CA PHE B 401 -36.22 -25.97 37.27
C PHE B 401 -34.94 -25.20 36.94
N GLN B 402 -33.92 -25.29 37.81
CA GLN B 402 -32.67 -24.60 37.53
C GLN B 402 -32.00 -25.14 36.27
N GLN B 403 -32.00 -26.46 36.09
CA GLN B 403 -31.34 -27.04 34.92
C GLN B 403 -32.10 -26.71 33.65
N LYS B 404 -33.43 -26.74 33.68
CA LYS B 404 -34.21 -26.40 32.49
C LYS B 404 -34.05 -24.94 32.12
N ASN B 405 -34.08 -24.04 33.11
CA ASN B 405 -33.98 -22.61 32.82
C ASN B 405 -32.58 -22.20 32.41
N ASN B 406 -31.57 -23.00 32.71
CA ASN B 406 -30.19 -22.58 32.47
C ASN B 406 -29.91 -22.40 30.98
N ARG B 407 -30.42 -23.31 30.15
CA ARG B 407 -30.15 -23.21 28.72
C ARG B 407 -30.73 -21.92 28.15
N LEU B 408 -31.91 -21.52 28.62
CA LEU B 408 -32.46 -20.23 28.22
C LEU B 408 -31.57 -19.07 28.65
N LEU B 409 -31.07 -19.10 29.88
CA LEU B 409 -30.21 -18.04 30.36
C LEU B 409 -28.90 -17.98 29.58
N GLU B 410 -28.30 -19.15 29.30
CA GLU B 410 -27.04 -19.18 28.57
C GLU B 410 -27.21 -18.70 27.14
N ILE B 411 -28.32 -19.09 26.49
CA ILE B 411 -28.61 -18.57 25.15
C ILE B 411 -28.78 -17.05 25.21
N THR B 412 -29.52 -16.56 26.21
CA THR B 412 -29.72 -15.13 26.35
C THR B 412 -28.40 -14.41 26.56
N ARG B 413 -27.53 -14.98 27.41
CA ARG B 413 -26.23 -14.36 27.66
C ARG B 413 -25.38 -14.30 26.39
N GLU B 414 -25.35 -15.39 25.62
CA GLU B 414 -24.56 -15.42 24.40
C GLU B 414 -25.08 -14.40 23.38
N PHE B 415 -26.40 -14.29 23.25
CA PHE B 415 -26.95 -13.29 22.34
C PHE B 415 -26.65 -11.87 22.80
N SER B 416 -26.73 -11.63 24.12
CA SER B 416 -26.59 -10.28 24.64
C SER B 416 -25.19 -9.72 24.40
N VAL B 417 -24.15 -10.53 24.64
CA VAL B 417 -22.78 -10.04 24.50
C VAL B 417 -22.29 -10.03 23.06
N ASN B 418 -23.13 -10.46 22.10
CA ASN B 418 -22.73 -10.47 20.70
C ASN B 418 -23.77 -9.81 19.81
N ALA B 419 -24.68 -9.02 20.40
CA ALA B 419 -25.67 -8.25 19.66
C ALA B 419 -26.57 -9.14 18.80
N GLY B 420 -26.94 -10.31 19.34
CA GLY B 420 -27.93 -11.17 18.71
C GLY B 420 -27.41 -12.07 17.62
N VAL B 421 -26.12 -12.05 17.32
CA VAL B 421 -25.51 -12.93 16.33
C VAL B 421 -24.30 -13.59 16.96
N THR B 422 -24.31 -14.92 17.03
CA THR B 422 -23.20 -15.66 17.63
C THR B 422 -22.61 -16.64 16.62
N THR B 423 -21.30 -16.83 16.73
CA THR B 423 -20.59 -17.86 15.99
C THR B 423 -19.27 -18.11 16.72
N PRO B 424 -18.84 -19.37 16.89
CA PRO B 424 -19.48 -20.62 16.45
C PRO B 424 -20.79 -20.89 17.19
N VAL B 425 -21.65 -21.72 16.63
CA VAL B 425 -22.93 -22.05 17.26
C VAL B 425 -22.64 -22.95 18.47
N SER B 426 -22.94 -22.45 19.66
CA SER B 426 -22.66 -23.21 20.87
C SER B 426 -23.61 -24.40 21.01
N THR B 427 -23.21 -25.35 21.84
CA THR B 427 -24.07 -26.49 22.16
C THR B 427 -25.31 -26.06 22.91
N TYR B 428 -25.31 -24.87 23.51
CA TYR B 428 -26.53 -24.35 24.12
C TYR B 428 -27.50 -23.86 23.06
N MET B 429 -26.98 -23.29 21.96
CA MET B 429 -27.83 -22.92 20.84
C MET B 429 -28.42 -24.16 20.15
N LEU B 430 -27.63 -25.21 20.03
CA LEU B 430 -28.02 -26.42 19.31
C LEU B 430 -27.19 -27.56 19.86
N THR B 431 -27.83 -28.49 20.58
CA THR B 431 -27.09 -29.59 21.17
C THR B 431 -26.58 -30.53 20.08
N ASN B 432 -25.65 -31.40 20.47
CA ASN B 432 -25.10 -32.38 19.55
C ASN B 432 -26.19 -33.23 18.92
N SER B 433 -27.12 -33.70 19.75
CA SER B 433 -28.23 -34.52 19.25
C SER B 433 -29.08 -33.74 18.25
N GLU B 434 -29.42 -32.48 18.58
CA GLU B 434 -30.22 -31.66 17.68
C GLU B 434 -29.48 -31.35 16.38
N LEU B 435 -28.18 -31.04 16.48
CA LEU B 435 -27.41 -30.71 15.29
C LEU B 435 -27.29 -31.89 14.34
N LEU B 436 -27.09 -33.09 14.89
CA LEU B 436 -27.06 -34.29 14.04
C LEU B 436 -28.42 -34.54 13.41
N SER B 437 -29.49 -34.26 14.16
CA SER B 437 -30.84 -34.40 13.60
C SER B 437 -31.06 -33.43 12.45
N LEU B 438 -30.58 -32.20 12.60
CA LEU B 438 -30.72 -31.20 11.55
C LEU B 438 -29.95 -31.59 10.30
N ILE B 439 -28.75 -32.15 10.46
CA ILE B 439 -27.93 -32.52 9.32
C ILE B 439 -28.62 -33.60 8.50
N ASN B 440 -29.23 -34.58 9.17
CA ASN B 440 -29.89 -35.65 8.45
C ASN B 440 -31.18 -35.21 7.77
N ASP B 441 -31.53 -33.93 7.83
CA ASP B 441 -32.67 -33.41 7.11
C ASP B 441 -32.31 -32.40 6.04
N MET B 442 -31.03 -32.10 5.86
CA MET B 442 -30.61 -31.11 4.89
C MET B 442 -30.76 -31.67 3.46
N PRO B 443 -30.90 -30.79 2.45
CA PRO B 443 -31.04 -31.25 1.06
C PRO B 443 -29.70 -31.57 0.42
N ILE B 444 -29.00 -32.55 0.99
CA ILE B 444 -27.67 -32.92 0.57
C ILE B 444 -27.64 -34.43 0.36
N THR B 445 -26.60 -34.89 -0.34
CA THR B 445 -26.42 -36.32 -0.55
C THR B 445 -25.99 -36.99 0.75
N ASN B 446 -26.11 -38.33 0.76
CA ASN B 446 -25.79 -39.09 1.96
C ASN B 446 -24.31 -38.95 2.34
N ASP B 447 -23.43 -38.84 1.34
CA ASP B 447 -22.01 -38.66 1.64
C ASP B 447 -21.77 -37.37 2.40
N GLN B 448 -22.42 -36.27 1.99
CA GLN B 448 -22.26 -35.01 2.70
C GLN B 448 -22.80 -35.08 4.13
N LYS B 449 -23.87 -35.86 4.35
CA LYS B 449 -24.40 -35.99 5.70
C LYS B 449 -23.40 -36.66 6.62
N LYS B 450 -22.74 -37.73 6.15
CA LYS B 450 -21.68 -38.36 6.94
C LYS B 450 -20.47 -37.44 7.06
N LEU B 451 -20.21 -36.63 6.03
CA LEU B 451 -19.09 -35.70 6.09
C LEU B 451 -19.31 -34.64 7.17
N MET B 452 -20.52 -34.09 7.23
CA MET B 452 -20.82 -33.12 8.29
C MET B 452 -20.91 -33.77 9.66
N SER B 453 -21.48 -34.97 9.74
CA SER B 453 -21.68 -35.61 11.03
C SER B 453 -20.35 -35.95 11.71
N ASN B 454 -19.30 -36.23 10.95
CA ASN B 454 -18.00 -36.52 11.53
C ASN B 454 -17.19 -35.28 11.83
N ASN B 455 -17.66 -34.10 11.41
CA ASN B 455 -16.94 -32.84 11.57
C ASN B 455 -17.85 -31.80 12.21
N VAL B 456 -18.53 -32.21 13.28
CA VAL B 456 -19.52 -31.35 13.93
C VAL B 456 -18.88 -30.06 14.41
N GLN B 457 -17.68 -30.13 14.97
CA GLN B 457 -17.01 -28.93 15.46
C GLN B 457 -16.75 -27.94 14.33
N ILE B 458 -16.31 -28.45 13.18
CA ILE B 458 -16.08 -27.57 12.03
C ILE B 458 -17.39 -26.95 11.58
N VAL B 459 -18.47 -27.73 11.55
CA VAL B 459 -19.77 -27.21 11.11
C VAL B 459 -20.20 -26.06 12.00
N ARG B 460 -20.00 -26.19 13.32
CA ARG B 460 -20.40 -25.14 14.24
C ARG B 460 -19.65 -23.85 13.99
N GLN B 461 -18.38 -23.94 13.60
CA GLN B 461 -17.56 -22.75 13.40
C GLN B 461 -17.89 -22.02 12.10
N GLN B 462 -18.49 -22.69 11.12
CA GLN B 462 -18.92 -22.03 9.90
C GLN B 462 -20.37 -21.56 9.97
N SER B 463 -21.05 -21.78 11.08
CA SER B 463 -22.47 -21.51 11.19
C SER B 463 -22.71 -20.31 12.09
N TYR B 464 -23.90 -19.73 11.97
CA TYR B 464 -24.33 -18.60 12.76
C TYR B 464 -25.63 -18.93 13.47
N SER B 465 -25.84 -18.34 14.64
CA SER B 465 -27.14 -18.34 15.30
C SER B 465 -27.59 -16.91 15.45
N ILE B 466 -28.80 -16.62 14.95
CA ILE B 466 -29.31 -15.26 14.84
C ILE B 466 -30.63 -15.18 15.58
N MET B 467 -30.67 -14.36 16.63
CA MET B 467 -31.92 -14.16 17.34
C MET B 467 -32.91 -13.47 16.40
N CYS B 468 -34.15 -13.97 16.37
CA CYS B 468 -35.15 -13.50 15.43
CA CYS B 468 -35.15 -13.49 15.44
C CYS B 468 -36.29 -12.74 16.11
N ILE B 469 -37.02 -13.39 17.01
CA ILE B 469 -38.28 -12.84 17.49
C ILE B 469 -38.73 -13.51 18.78
N ILE B 470 -39.46 -12.76 19.60
CA ILE B 470 -40.27 -13.30 20.69
C ILE B 470 -41.69 -12.82 20.47
N LYS B 471 -42.62 -13.76 20.28
CA LYS B 471 -43.97 -13.40 19.92
C LYS B 471 -44.90 -14.57 20.24
N GLU B 472 -45.97 -14.29 20.98
CA GLU B 472 -47.00 -15.28 21.31
C GLU B 472 -46.40 -16.51 21.98
N GLU B 473 -45.63 -16.28 23.05
CA GLU B 473 -45.08 -17.34 23.89
C GLU B 473 -44.11 -18.23 23.11
N VAL B 474 -43.44 -17.69 22.10
CA VAL B 474 -42.47 -18.43 21.31
C VAL B 474 -41.20 -17.61 21.18
N LEU B 475 -40.06 -18.22 21.49
CA LEU B 475 -38.75 -17.63 21.29
C LEU B 475 -38.11 -18.34 20.11
N ALA B 476 -37.77 -17.58 19.07
CA ALA B 476 -37.27 -18.17 17.83
C ALA B 476 -35.94 -17.53 17.46
N TYR B 477 -34.97 -18.36 17.11
CA TYR B 477 -33.75 -17.91 16.46
C TYR B 477 -33.45 -18.81 15.27
N VAL B 478 -32.77 -18.24 14.29
CA VAL B 478 -32.41 -18.95 13.06
C VAL B 478 -30.94 -19.34 13.13
N VAL B 479 -30.67 -20.61 12.86
CA VAL B 479 -29.31 -21.13 12.75
C VAL B 479 -29.01 -21.35 11.27
N GLN B 480 -27.87 -20.85 10.83
CA GLN B 480 -27.51 -20.77 9.42
C GLN B 480 -26.29 -21.64 9.17
N LEU B 481 -26.49 -22.78 8.48
CA LEU B 481 -25.42 -23.75 8.30
C LEU B 481 -24.84 -23.69 6.89
N PRO B 482 -23.59 -24.10 6.71
CA PRO B 482 -22.99 -24.07 5.37
C PRO B 482 -23.46 -25.22 4.49
N LEU B 483 -23.43 -24.97 3.18
CA LEU B 483 -23.64 -25.98 2.16
C LEU B 483 -22.40 -26.02 1.28
N TYR B 484 -21.84 -27.21 1.09
CA TYR B 484 -20.60 -27.37 0.35
C TYR B 484 -20.79 -27.98 -1.04
N GLY B 485 -22.03 -28.24 -1.44
CA GLY B 485 -22.29 -28.83 -2.74
C GLY B 485 -22.75 -27.83 -3.79
#